data_4FBW
#
_entry.id   4FBW
#
_cell.length_a   59.122
_cell.length_b   79.955
_cell.length_c   220.930
_cell.angle_alpha   90.00
_cell.angle_beta   90.00
_cell.angle_gamma   90.00
#
_symmetry.space_group_name_H-M   'P 21 21 21'
#
loop_
_entity.id
_entity.type
_entity.pdbx_description
1 polymer 'DNA repair protein rad32'
2 polymer 'DNA repair and telomere maintenance protein nbs1'
3 non-polymer 'MANGANESE (II) ION'
4 water water
#
loop_
_entity_poly.entity_id
_entity_poly.type
_entity_poly.pdbx_seq_one_letter_code
_entity_poly.pdbx_strand_id
1 'polypeptide(L)'
;GPDMNNELHNENTIRILISSDPHVGYGEKDPVRGNDSFVSFNEILEIARERDVDMILLGGDIFHDNKPSRKALYQALRSL
RLNCLGDKPCELELLSDTSLTTGDTAVCNINYLDPNINVAIPVFSIHGNHDDPSGDGRYSALDILQVTGLVNYFGRVPEN
DNIVVSPILLQKGFTKLALYGISNVRDERLYHSFRENKVKFLRPDLYRDEWFNLLTVHQNHSAHTPTSYLPESFIQDFYD
FVLWGHEHECLIDGSYNPTQKFTVVQPGSTIATSLSPGETAPKHCGILNITGKDFHLEKIRLRTVRPFIMKDIILSEVSS
IPPMVENKKEVLTYLISKVEEAITEANAQWYEAQGTVPVVENEKPPLPLIRLRVDYTGGYQTENPQRFSNRFVGRVANAT
DVVQFYLKKVDENLYFQ
;
A,B
2 'polypeptide(L)' GESEDDKAFEENRRLRNLGSVEYIRIMSSEKSNANSRHTSKYYSGRKNFKKFQKKASQK C,D
#
loop_
_chem_comp.id
_chem_comp.type
_chem_comp.name
_chem_comp.formula
MN non-polymer 'MANGANESE (II) ION' 'Mn 2'
#
# COMPACT_ATOMS: atom_id res chain seq x y z
N ASN A 10 14.64 0.29 32.90
CA ASN A 10 16.01 0.60 33.32
C ASN A 10 16.79 1.25 32.18
N GLU A 11 17.54 2.31 32.53
CA GLU A 11 18.41 3.14 31.68
C GLU A 11 19.50 2.37 30.92
N ASN A 12 19.83 1.14 31.35
CA ASN A 12 20.82 0.30 30.69
C ASN A 12 20.18 -1.01 30.23
N THR A 13 18.85 -1.04 30.10
CA THR A 13 18.16 -2.25 29.68
C THR A 13 17.42 -2.04 28.37
N ILE A 14 17.88 -2.71 27.29
CA ILE A 14 17.20 -2.67 25.99
C ILE A 14 16.03 -3.66 26.09
N ARG A 15 14.81 -3.16 25.90
CA ARG A 15 13.58 -3.94 25.97
C ARG A 15 12.96 -4.08 24.57
N ILE A 16 12.98 -5.32 24.06
CA ILE A 16 12.51 -5.66 22.73
C ILE A 16 11.29 -6.58 22.78
N LEU A 17 10.17 -6.15 22.13
CA LEU A 17 9.02 -7.06 21.99
C LEU A 17 9.33 -7.93 20.79
N ILE A 18 9.30 -9.25 20.99
CA ILE A 18 9.61 -10.21 19.93
C ILE A 18 8.37 -10.97 19.53
N SER A 19 8.20 -11.15 18.23
CA SER A 19 7.11 -11.89 17.63
C SER A 19 7.53 -12.28 16.22
N SER A 20 6.66 -12.98 15.51
CA SER A 20 6.97 -13.39 14.16
C SER A 20 5.71 -13.87 13.49
N ASP A 21 5.78 -14.02 12.17
CA ASP A 21 4.71 -14.62 11.37
C ASP A 21 3.29 -14.15 11.70
N PRO A 22 2.98 -12.81 11.69
CA PRO A 22 1.58 -12.39 11.88
C PRO A 22 0.65 -12.76 10.73
N HIS A 23 1.20 -12.98 9.52
CA HIS A 23 0.38 -13.35 8.35
C HIS A 23 -0.89 -12.47 8.17
N VAL A 24 -0.75 -11.13 8.25
CA VAL A 24 -1.81 -10.14 7.99
C VAL A 24 -2.46 -10.44 6.63
N GLY A 25 -3.76 -10.64 6.66
CA GLY A 25 -4.57 -10.97 5.50
C GLY A 25 -4.99 -12.43 5.46
N TYR A 26 -4.35 -13.34 6.27
CA TYR A 26 -4.70 -14.76 6.27
C TYR A 26 -6.17 -14.97 6.67
N GLY A 27 -6.93 -15.69 5.82
CA GLY A 27 -8.32 -16.04 6.05
C GLY A 27 -9.29 -14.87 6.07
N GLU A 28 -8.91 -13.74 5.46
CA GLU A 28 -9.65 -12.48 5.30
C GLU A 28 -11.08 -12.64 4.80
N LYS A 29 -11.28 -13.59 3.86
CA LYS A 29 -12.56 -13.87 3.21
C LYS A 29 -13.47 -14.76 4.04
N ASP A 30 -12.92 -15.47 5.07
CA ASP A 30 -13.72 -16.35 5.94
C ASP A 30 -14.74 -15.53 6.73
N PRO A 31 -16.05 -15.90 6.72
CA PRO A 31 -17.04 -15.08 7.46
C PRO A 31 -16.88 -15.09 8.99
N VAL A 32 -16.33 -16.16 9.55
CA VAL A 32 -16.12 -16.24 10.99
C VAL A 32 -14.74 -15.68 11.37
N ARG A 33 -13.70 -16.14 10.65
CA ARG A 33 -12.30 -15.87 10.93
C ARG A 33 -11.66 -14.67 10.24
N GLY A 34 -12.40 -13.99 9.36
CA GLY A 34 -11.94 -12.86 8.55
C GLY A 34 -11.14 -11.74 9.19
N ASN A 35 -11.39 -11.44 10.48
CA ASN A 35 -10.69 -10.35 11.17
C ASN A 35 -9.59 -10.74 12.12
N ASP A 36 -9.39 -12.07 12.32
CA ASP A 36 -8.40 -12.64 13.25
C ASP A 36 -6.99 -12.10 13.06
N SER A 37 -6.47 -12.13 11.82
CA SER A 37 -5.08 -11.72 11.53
C SER A 37 -4.84 -10.23 11.87
N PHE A 38 -5.84 -9.38 11.61
CA PHE A 38 -5.73 -7.95 11.88
C PHE A 38 -5.77 -7.66 13.38
N VAL A 39 -6.69 -8.31 14.09
CA VAL A 39 -6.89 -8.15 15.54
C VAL A 39 -5.64 -8.57 16.31
N SER A 40 -5.03 -9.70 15.94
CA SER A 40 -3.83 -10.24 16.61
C SER A 40 -2.55 -9.50 16.23
N PHE A 41 -2.44 -9.01 14.98
CA PHE A 41 -1.28 -8.18 14.62
C PHE A 41 -1.40 -6.86 15.41
N ASN A 42 -2.62 -6.33 15.51
CA ASN A 42 -2.87 -5.12 16.33
C ASN A 42 -2.47 -5.37 17.80
N GLU A 43 -2.83 -6.58 18.35
CA GLU A 43 -2.52 -6.94 19.75
C GLU A 43 -1.04 -6.85 20.08
N ILE A 44 -0.19 -7.38 19.23
CA ILE A 44 1.26 -7.39 19.37
C ILE A 44 1.82 -5.96 19.55
N LEU A 45 1.35 -5.02 18.72
CA LEU A 45 1.74 -3.61 18.76
C LEU A 45 1.18 -2.90 19.99
N GLU A 46 -0.05 -3.25 20.40
CA GLU A 46 -0.71 -2.72 21.59
C GLU A 46 0.02 -3.15 22.88
N ILE A 47 0.46 -4.43 22.97
CA ILE A 47 1.25 -4.96 24.10
C ILE A 47 2.57 -4.17 24.17
N ALA A 48 3.26 -3.96 23.02
CA ALA A 48 4.52 -3.21 22.94
C ALA A 48 4.38 -1.80 23.52
N ARG A 49 3.29 -1.08 23.15
CA ARG A 49 2.96 0.25 23.63
C ARG A 49 2.63 0.24 25.14
N GLU A 50 1.72 -0.64 25.57
CA GLU A 50 1.29 -0.77 26.96
C GLU A 50 2.42 -1.12 27.90
N ARG A 51 3.36 -1.96 27.43
CA ARG A 51 4.51 -2.41 28.21
C ARG A 51 5.75 -1.53 28.13
N ASP A 52 5.67 -0.45 27.33
CA ASP A 52 6.69 0.59 27.16
C ASP A 52 8.08 0.05 26.74
N VAL A 53 8.10 -0.85 25.75
CA VAL A 53 9.36 -1.41 25.23
C VAL A 53 10.10 -0.32 24.41
N ASP A 54 11.38 -0.55 24.16
CA ASP A 54 12.19 0.38 23.37
C ASP A 54 11.99 0.14 21.86
N MET A 55 11.74 -1.12 21.47
CA MET A 55 11.62 -1.50 20.06
C MET A 55 10.86 -2.81 19.88
N ILE A 56 10.44 -3.09 18.63
CA ILE A 56 9.77 -4.32 18.25
C ILE A 56 10.66 -5.04 17.24
N LEU A 57 10.80 -6.37 17.39
CA LEU A 57 11.57 -7.18 16.46
C LEU A 57 10.73 -8.31 15.94
N LEU A 58 10.55 -8.36 14.62
CA LEU A 58 9.75 -9.38 13.96
C LEU A 58 10.57 -10.29 13.06
N GLY A 59 10.21 -11.56 13.04
CA GLY A 59 10.91 -12.58 12.29
C GLY A 59 10.38 -12.92 10.90
N GLY A 60 9.63 -12.02 10.29
CA GLY A 60 9.13 -12.20 8.93
C GLY A 60 7.75 -12.79 8.79
N ASP A 61 7.31 -12.96 7.53
CA ASP A 61 5.94 -13.36 7.15
C ASP A 61 4.91 -12.38 7.77
N ILE A 62 5.17 -11.07 7.58
CA ILE A 62 4.30 -9.98 8.05
C ILE A 62 2.94 -10.07 7.36
N PHE A 63 2.95 -10.24 6.04
CA PHE A 63 1.74 -10.39 5.24
C PHE A 63 1.63 -11.82 4.74
N HIS A 64 0.37 -12.34 4.68
CA HIS A 64 0.11 -13.69 4.16
C HIS A 64 0.33 -13.74 2.63
N ASP A 65 -0.18 -12.74 1.90
CA ASP A 65 -0.08 -12.70 0.44
C ASP A 65 1.07 -11.82 0.01
N ASN A 66 1.76 -12.27 -1.06
CA ASN A 66 2.88 -11.57 -1.70
C ASN A 66 2.43 -10.17 -2.13
N LYS A 67 1.22 -10.07 -2.66
CA LYS A 67 0.56 -8.83 -3.04
C LYS A 67 -0.64 -8.68 -2.10
N PRO A 68 -0.46 -8.07 -0.89
CA PRO A 68 -1.58 -7.96 0.05
C PRO A 68 -2.77 -7.22 -0.51
N SER A 69 -3.96 -7.61 -0.06
CA SER A 69 -5.18 -6.93 -0.41
C SER A 69 -5.07 -5.48 0.16
N ARG A 70 -5.91 -4.57 -0.33
CA ARG A 70 -5.95 -3.19 0.13
C ARG A 70 -6.40 -3.13 1.60
N LYS A 71 -7.35 -4.00 2.00
CA LYS A 71 -7.82 -4.09 3.39
C LYS A 71 -6.64 -4.50 4.33
N ALA A 72 -5.88 -5.56 3.99
CA ALA A 72 -4.74 -6.07 4.75
C ALA A 72 -3.67 -5.00 4.96
N LEU A 73 -3.30 -4.31 3.88
CA LEU A 73 -2.31 -3.23 3.92
C LEU A 73 -2.81 -2.06 4.78
N TYR A 74 -4.09 -1.68 4.60
CA TYR A 74 -4.72 -0.60 5.35
C TYR A 74 -4.69 -0.93 6.87
N GLN A 75 -5.08 -2.17 7.22
CA GLN A 75 -5.16 -2.59 8.63
C GLN A 75 -3.79 -2.61 9.28
N ALA A 76 -2.75 -3.12 8.56
CA ALA A 76 -1.38 -3.14 9.08
C ALA A 76 -0.86 -1.73 9.31
N LEU A 77 -1.04 -0.82 8.32
CA LEU A 77 -0.63 0.59 8.40
C LEU A 77 -1.35 1.32 9.52
N ARG A 78 -2.65 1.08 9.68
CA ARG A 78 -3.45 1.72 10.73
C ARG A 78 -2.95 1.33 12.13
N SER A 79 -2.72 0.03 12.36
CA SER A 79 -2.21 -0.46 13.65
C SER A 79 -0.82 0.09 13.98
N LEU A 80 0.09 0.09 13.00
CA LEU A 80 1.46 0.61 13.18
C LEU A 80 1.41 2.12 13.47
N ARG A 81 0.62 2.89 12.72
CA ARG A 81 0.51 4.33 12.95
C ARG A 81 -0.03 4.65 14.38
N LEU A 82 -1.11 3.99 14.79
CA LEU A 82 -1.76 4.23 16.11
C LEU A 82 -0.98 3.74 17.31
N ASN A 83 -0.20 2.67 17.15
CA ASN A 83 0.57 2.13 18.27
C ASN A 83 2.04 2.50 18.31
N CYS A 84 2.65 2.88 17.19
CA CYS A 84 4.11 3.11 17.14
C CYS A 84 4.56 4.56 17.10
N LEU A 85 3.65 5.47 16.73
CA LEU A 85 3.93 6.91 16.70
C LEU A 85 3.49 7.55 18.01
N GLY A 86 4.22 8.56 18.47
CA GLY A 86 3.91 9.28 19.69
C GLY A 86 5.07 10.04 20.29
N ASP A 87 4.78 10.80 21.36
CA ASP A 87 5.71 11.65 22.13
C ASP A 87 6.83 10.93 22.87
N LYS A 88 6.66 9.64 23.20
CA LYS A 88 7.67 8.81 23.89
C LYS A 88 9.05 8.98 23.24
N PRO A 89 10.09 9.33 24.02
CA PRO A 89 11.43 9.50 23.42
C PRO A 89 12.10 8.16 23.14
N CYS A 90 12.73 7.96 21.96
CA CYS A 90 13.44 6.70 21.74
C CYS A 90 14.82 6.84 22.39
N GLU A 91 15.08 6.00 23.41
CA GLU A 91 16.33 6.03 24.17
C GLU A 91 17.44 5.21 23.50
N LEU A 92 17.18 4.73 22.27
CA LEU A 92 18.16 3.94 21.55
C LEU A 92 19.00 4.84 20.66
N GLU A 93 20.31 4.84 20.90
CA GLU A 93 21.25 5.61 20.10
C GLU A 93 21.76 4.72 18.96
N LEU A 94 21.61 5.18 17.70
CA LEU A 94 22.11 4.43 16.54
C LEU A 94 23.58 4.79 16.35
N LEU A 95 24.44 3.78 16.36
CA LEU A 95 25.89 3.89 16.25
C LEU A 95 26.41 3.58 14.84
N SER A 96 25.63 2.83 14.07
CA SER A 96 25.99 2.44 12.70
C SER A 96 24.88 1.57 12.17
N ASN A 109 16.61 4.90 5.54
CA ASN A 109 17.20 5.22 6.83
C ASN A 109 16.26 4.83 7.97
N ILE A 110 16.83 4.65 9.19
CA ILE A 110 16.11 4.29 10.42
C ILE A 110 14.99 5.32 10.69
N ASN A 111 13.74 4.84 10.76
CA ASN A 111 12.54 5.70 10.94
C ASN A 111 12.54 6.68 12.10
N TYR A 112 12.99 6.27 13.30
CA TYR A 112 12.96 7.17 14.46
C TYR A 112 13.88 8.39 14.37
N LEU A 113 14.81 8.39 13.42
CA LEU A 113 15.74 9.49 13.23
C LEU A 113 15.18 10.53 12.25
N ASP A 114 14.02 10.25 11.64
CA ASP A 114 13.38 11.17 10.73
C ASP A 114 12.81 12.37 11.51
N PRO A 115 13.16 13.63 11.15
CA PRO A 115 12.61 14.78 11.87
C PRO A 115 11.13 15.10 11.57
N ASN A 116 10.52 14.41 10.59
CA ASN A 116 9.13 14.69 10.22
C ASN A 116 8.12 13.68 10.72
N ILE A 117 8.58 12.64 11.41
CA ILE A 117 7.76 11.55 11.94
C ILE A 117 8.17 11.31 13.39
N ASN A 118 7.21 11.33 14.31
CA ASN A 118 7.41 11.11 15.74
C ASN A 118 7.25 9.60 16.06
N VAL A 119 8.32 8.81 15.85
CA VAL A 119 8.32 7.37 16.11
C VAL A 119 8.59 7.13 17.61
N ALA A 120 7.60 6.58 18.32
CA ALA A 120 7.75 6.26 19.75
C ALA A 120 8.38 4.87 19.87
N ILE A 121 7.92 3.90 19.05
CA ILE A 121 8.42 2.52 19.10
C ILE A 121 8.87 2.02 17.73
N PRO A 122 10.19 2.05 17.42
CA PRO A 122 10.64 1.54 16.11
C PRO A 122 10.47 0.02 15.95
N VAL A 123 9.93 -0.40 14.79
CA VAL A 123 9.70 -1.80 14.44
C VAL A 123 10.82 -2.23 13.48
N PHE A 124 11.41 -3.40 13.75
CA PHE A 124 12.47 -3.97 12.91
C PHE A 124 11.98 -5.33 12.43
N SER A 125 12.06 -5.56 11.14
CA SER A 125 11.62 -6.84 10.59
C SER A 125 12.45 -7.28 9.38
N ILE A 126 12.65 -8.58 9.29
CA ILE A 126 13.27 -9.20 8.11
C ILE A 126 12.07 -9.63 7.23
N HIS A 127 12.33 -10.07 5.99
CA HIS A 127 11.25 -10.58 5.16
C HIS A 127 11.25 -12.11 5.28
N GLY A 128 10.07 -12.67 5.18
CA GLY A 128 9.94 -14.11 5.15
C GLY A 128 9.68 -14.50 3.72
N ASN A 129 9.43 -15.79 3.50
CA ASN A 129 9.11 -16.30 2.17
C ASN A 129 7.75 -15.89 1.60
N HIS A 130 6.87 -15.42 2.47
CA HIS A 130 5.54 -15.00 2.06
C HIS A 130 5.54 -13.54 1.66
N ASP A 131 6.54 -12.81 2.12
CA ASP A 131 6.66 -11.39 1.80
C ASP A 131 7.79 -11.23 0.79
N ASP A 132 7.89 -12.18 -0.12
CA ASP A 132 8.94 -12.15 -1.14
C ASP A 132 9.19 -10.70 -1.53
N ARG A 138 10.57 -6.36 -7.25
CA ARG A 138 11.73 -5.64 -6.70
C ARG A 138 11.27 -4.94 -5.43
N TYR A 139 9.93 -4.69 -5.33
CA TYR A 139 9.25 -3.96 -4.27
C TYR A 139 8.34 -4.88 -3.48
N SER A 140 8.79 -5.36 -2.33
CA SER A 140 7.98 -6.20 -1.45
C SER A 140 6.97 -5.34 -0.67
N ALA A 141 5.97 -5.99 -0.04
CA ALA A 141 4.98 -5.31 0.79
C ALA A 141 5.68 -4.64 2.00
N LEU A 142 6.83 -5.18 2.40
CA LEU A 142 7.71 -4.70 3.47
C LEU A 142 8.39 -3.40 3.07
N ASP A 143 8.66 -3.21 1.76
CA ASP A 143 9.21 -1.96 1.23
C ASP A 143 8.18 -0.85 1.42
N ILE A 144 6.88 -1.19 1.28
CA ILE A 144 5.77 -0.25 1.47
C ILE A 144 5.70 0.19 2.94
N LEU A 145 5.79 -0.76 3.90
CA LEU A 145 5.79 -0.43 5.33
C LEU A 145 6.98 0.48 5.67
N GLN A 146 8.15 0.19 5.08
CA GLN A 146 9.34 1.02 5.27
C GLN A 146 9.19 2.42 4.68
N VAL A 147 8.72 2.53 3.42
CA VAL A 147 8.59 3.83 2.75
C VAL A 147 7.66 4.82 3.52
N THR A 148 6.65 4.31 4.24
CA THR A 148 5.72 5.13 5.04
C THR A 148 6.37 5.61 6.34
N GLY A 149 7.55 5.06 6.69
CA GLY A 149 8.26 5.39 7.91
C GLY A 149 7.77 4.62 9.14
N LEU A 150 7.02 3.53 8.94
CA LEU A 150 6.43 2.75 10.04
C LEU A 150 7.15 1.47 10.47
N VAL A 151 7.98 0.91 9.58
CA VAL A 151 8.78 -0.29 9.82
C VAL A 151 10.19 -0.10 9.25
N ASN A 152 11.22 -0.66 9.92
CA ASN A 152 12.60 -0.69 9.46
C ASN A 152 12.84 -2.10 8.92
N TYR A 153 12.77 -2.23 7.61
CA TYR A 153 13.00 -3.48 6.89
C TYR A 153 14.54 -3.68 6.83
N PHE A 154 15.04 -4.72 7.49
CA PHE A 154 16.48 -4.99 7.54
C PHE A 154 16.80 -6.44 7.13
N GLY A 155 18.09 -6.77 7.12
CA GLY A 155 18.58 -8.09 6.77
C GLY A 155 18.27 -8.54 5.35
N ARG A 156 18.36 -7.61 4.40
CA ARG A 156 18.09 -7.91 2.98
C ARG A 156 19.13 -8.86 2.42
N VAL A 157 18.70 -9.78 1.55
CA VAL A 157 19.56 -10.78 0.91
C VAL A 157 19.54 -10.54 -0.61
N PRO A 158 20.42 -9.64 -1.14
CA PRO A 158 20.39 -9.35 -2.59
C PRO A 158 20.96 -10.48 -3.45
N ASN A 162 26.42 -14.77 -2.83
CA ASN A 162 27.27 -14.25 -1.76
C ASN A 162 26.43 -13.41 -0.78
N ILE A 163 26.32 -13.88 0.49
CA ILE A 163 25.53 -13.22 1.53
C ILE A 163 26.43 -12.47 2.53
N VAL A 164 26.20 -11.14 2.67
CA VAL A 164 26.92 -10.26 3.59
C VAL A 164 25.95 -9.79 4.70
N VAL A 165 26.11 -10.35 5.91
CA VAL A 165 25.28 -10.07 7.09
C VAL A 165 25.91 -8.96 7.95
N SER A 166 25.38 -7.73 7.77
CA SER A 166 25.82 -6.49 8.44
C SER A 166 24.87 -6.11 9.60
N PRO A 167 25.40 -5.64 10.75
CA PRO A 167 24.52 -5.31 11.88
C PRO A 167 24.04 -3.87 12.00
N ILE A 168 22.94 -3.71 12.73
CA ILE A 168 22.40 -2.42 13.15
C ILE A 168 22.94 -2.30 14.57
N LEU A 169 23.69 -1.22 14.84
CA LEU A 169 24.32 -0.99 16.15
C LEU A 169 23.56 0.01 16.99
N LEU A 170 23.04 -0.46 18.13
CA LEU A 170 22.19 0.32 19.04
C LEU A 170 22.74 0.35 20.48
N GLN A 171 22.62 1.51 21.14
CA GLN A 171 23.10 1.69 22.50
C GLN A 171 22.05 2.35 23.42
N LYS A 172 21.93 1.82 24.64
CA LYS A 172 21.08 2.36 25.69
C LYS A 172 21.91 2.25 26.96
N GLY A 173 22.46 3.38 27.40
CA GLY A 173 23.35 3.43 28.56
C GLY A 173 24.63 2.67 28.27
N PHE A 174 24.99 1.72 29.15
CA PHE A 174 26.19 0.92 28.94
C PHE A 174 25.96 -0.28 28.00
N THR A 175 24.68 -0.60 27.69
CA THR A 175 24.30 -1.73 26.85
C THR A 175 24.48 -1.43 25.36
N LYS A 176 25.11 -2.37 24.63
CA LYS A 176 25.40 -2.29 23.20
C LYS A 176 24.83 -3.52 22.50
N LEU A 177 23.93 -3.28 21.53
CA LEU A 177 23.22 -4.30 20.76
C LEU A 177 23.68 -4.29 19.31
N ALA A 178 24.08 -5.47 18.81
CA ALA A 178 24.47 -5.67 17.41
C ALA A 178 23.37 -6.56 16.82
N LEU A 179 22.42 -5.93 16.13
CA LEU A 179 21.27 -6.63 15.57
C LEU A 179 21.54 -7.08 14.15
N TYR A 180 21.42 -8.39 13.91
CA TYR A 180 21.68 -8.99 12.60
C TYR A 180 20.46 -9.68 12.09
N GLY A 181 20.30 -9.64 10.78
CA GLY A 181 19.19 -10.32 10.14
C GLY A 181 19.55 -10.97 8.83
N ILE A 182 18.95 -12.13 8.55
CA ILE A 182 19.06 -12.82 7.28
C ILE A 182 17.62 -13.04 6.85
N SER A 183 17.17 -12.33 5.81
CA SER A 183 15.82 -12.53 5.31
C SER A 183 15.72 -13.92 4.66
N ASN A 184 14.50 -14.45 4.54
CA ASN A 184 14.27 -15.77 3.96
C ASN A 184 14.96 -15.98 2.61
N VAL A 185 15.65 -17.10 2.49
CA VAL A 185 16.36 -17.60 1.31
C VAL A 185 15.89 -19.05 1.15
N ARG A 186 15.69 -19.53 -0.11
CA ARG A 186 15.32 -20.93 -0.38
C ARG A 186 16.29 -21.79 0.43
N ASP A 187 15.74 -22.58 1.38
CA ASP A 187 16.50 -23.40 2.34
C ASP A 187 17.70 -24.15 1.79
N GLU A 188 17.58 -24.75 0.58
CA GLU A 188 18.65 -25.48 -0.09
C GLU A 188 19.75 -24.53 -0.53
N ARG A 189 19.38 -23.34 -1.08
CA ARG A 189 20.29 -22.30 -1.55
C ARG A 189 21.12 -21.72 -0.40
N LEU A 190 20.50 -21.48 0.78
CA LEU A 190 21.22 -20.96 1.96
C LEU A 190 22.16 -22.05 2.52
N TYR A 191 21.69 -23.31 2.59
CA TYR A 191 22.45 -24.47 3.08
C TYR A 191 23.72 -24.67 2.24
N HIS A 192 23.59 -24.63 0.90
CA HIS A 192 24.72 -24.76 -0.04
C HIS A 192 25.68 -23.58 0.11
N SER A 193 25.13 -22.34 0.31
CA SER A 193 25.89 -21.10 0.51
C SER A 193 26.74 -21.17 1.77
N PHE A 194 26.22 -21.78 2.84
CA PHE A 194 26.97 -21.98 4.09
C PHE A 194 28.06 -23.05 3.90
N ARG A 195 27.69 -24.19 3.16
CA ARG A 195 28.59 -25.31 2.86
C ARG A 195 29.79 -24.86 2.01
N GLU A 196 29.54 -24.00 0.94
CA GLU A 196 30.54 -23.42 0.05
C GLU A 196 31.21 -22.18 0.71
N ASN A 197 30.97 -21.99 2.04
CA ASN A 197 31.45 -20.90 2.90
C ASN A 197 31.27 -19.48 2.31
N LYS A 198 30.13 -19.27 1.63
CA LYS A 198 29.73 -18.04 0.93
C LYS A 198 28.86 -17.06 1.78
N VAL A 199 28.81 -17.26 3.11
CA VAL A 199 28.05 -16.40 4.03
C VAL A 199 29.05 -15.60 4.91
N LYS A 200 29.07 -14.27 4.67
CA LYS A 200 29.97 -13.33 5.32
C LYS A 200 29.30 -12.61 6.51
N PHE A 201 29.70 -12.97 7.74
CA PHE A 201 29.24 -12.31 8.96
C PHE A 201 30.25 -11.24 9.33
N LEU A 202 29.79 -9.99 9.30
CA LEU A 202 30.55 -8.78 9.56
C LEU A 202 30.34 -8.36 11.04
N ARG A 203 31.45 -8.12 11.76
CA ARG A 203 31.45 -7.76 13.19
C ARG A 203 32.07 -6.38 13.47
N PRO A 204 31.61 -5.60 14.48
CA PRO A 204 32.26 -4.30 14.74
C PRO A 204 33.61 -4.44 15.47
N ASP A 205 34.65 -3.72 15.02
CA ASP A 205 35.98 -3.78 15.63
C ASP A 205 36.03 -3.07 17.00
N LEU A 206 35.40 -1.87 17.07
CA LEU A 206 35.26 -1.02 18.25
C LEU A 206 34.28 -1.69 19.23
N TYR A 207 34.64 -1.71 20.53
CA TYR A 207 33.85 -2.35 21.61
C TYR A 207 33.58 -3.79 21.11
N ARG A 208 34.63 -4.50 20.65
CA ARG A 208 34.69 -5.87 20.12
C ARG A 208 33.75 -6.91 20.80
N ASP A 209 34.00 -7.21 22.10
CA ASP A 209 33.28 -8.20 22.92
C ASP A 209 32.19 -7.65 23.87
N GLU A 210 31.88 -6.34 23.76
CA GLU A 210 30.83 -5.71 24.58
C GLU A 210 29.42 -5.92 23.99
N TRP A 211 29.33 -6.07 22.65
CA TRP A 211 28.08 -6.23 21.90
C TRP A 211 27.31 -7.51 22.22
N PHE A 212 25.99 -7.38 22.44
CA PHE A 212 25.11 -8.52 22.61
C PHE A 212 24.68 -8.83 21.18
N ASN A 213 25.09 -9.99 20.65
CA ASN A 213 24.85 -10.38 19.26
C ASN A 213 23.53 -11.11 19.04
N LEU A 214 22.60 -10.44 18.33
CA LEU A 214 21.27 -10.99 18.08
C LEU A 214 21.06 -11.27 16.60
N LEU A 215 20.80 -12.54 16.26
CA LEU A 215 20.51 -12.93 14.88
C LEU A 215 19.02 -13.22 14.68
N THR A 216 18.45 -12.70 13.59
CA THR A 216 17.05 -12.95 13.22
C THR A 216 17.04 -13.73 11.91
N VAL A 217 16.35 -14.88 11.91
CA VAL A 217 16.23 -15.74 10.73
C VAL A 217 14.79 -16.14 10.45
N HIS A 218 14.54 -16.57 9.21
CA HIS A 218 13.26 -17.06 8.71
C HIS A 218 13.54 -18.29 7.84
N GLN A 219 13.77 -19.45 8.48
CA GLN A 219 14.07 -20.73 7.80
C GLN A 219 13.48 -21.93 8.53
N ASN A 220 13.50 -23.11 7.87
CA ASN A 220 13.09 -24.38 8.49
C ASN A 220 14.09 -24.72 9.57
N HIS A 221 13.60 -25.14 10.74
CA HIS A 221 14.44 -25.52 11.86
C HIS A 221 14.83 -27.00 11.73
N SER A 222 14.04 -27.75 10.98
CA SER A 222 14.29 -29.17 10.77
C SER A 222 13.35 -29.75 9.72
N ALA A 223 13.92 -30.34 8.67
CA ALA A 223 13.13 -30.93 7.60
C ALA A 223 13.64 -32.33 7.26
N HIS A 224 12.83 -33.07 6.51
CA HIS A 224 13.19 -34.42 6.11
C HIS A 224 14.43 -34.42 5.25
N THR A 225 14.58 -33.37 4.45
CA THR A 225 15.74 -33.25 3.57
C THR A 225 16.97 -32.79 4.35
N PRO A 226 18.14 -33.27 3.92
CA PRO A 226 19.41 -32.91 4.57
C PRO A 226 19.92 -31.55 4.12
N THR A 227 19.25 -30.95 3.14
CA THR A 227 19.65 -29.64 2.62
C THR A 227 18.52 -28.59 2.63
N SER A 228 17.34 -28.96 3.13
CA SER A 228 16.16 -28.09 3.06
C SER A 228 15.97 -27.17 4.27
N TYR A 229 16.89 -27.23 5.22
CA TYR A 229 16.76 -26.55 6.51
C TYR A 229 18.08 -25.86 6.88
N LEU A 230 18.12 -25.18 8.06
CA LEU A 230 19.33 -24.51 8.59
C LEU A 230 19.72 -25.13 9.94
N PRO A 231 20.79 -25.96 9.99
CA PRO A 231 21.22 -26.54 11.27
C PRO A 231 21.80 -25.46 12.18
N GLU A 232 21.50 -25.54 13.48
CA GLU A 232 21.95 -24.57 14.50
C GLU A 232 23.48 -24.45 14.54
N SER A 233 24.18 -25.59 14.35
CA SER A 233 25.65 -25.73 14.36
C SER A 233 26.31 -24.83 13.31
N PHE A 234 25.62 -24.58 12.18
CA PHE A 234 26.09 -23.74 11.08
C PHE A 234 26.21 -22.28 11.48
N ILE A 235 25.45 -21.85 12.50
CA ILE A 235 25.39 -20.45 12.93
C ILE A 235 26.54 -20.14 13.87
N GLN A 236 27.35 -19.12 13.49
CA GLN A 236 28.51 -18.61 14.24
C GLN A 236 28.26 -18.51 15.74
N ASP A 237 29.19 -19.05 16.54
CA ASP A 237 29.11 -19.13 17.99
C ASP A 237 29.27 -17.82 18.78
N PHE A 238 29.67 -16.75 18.06
CA PHE A 238 29.79 -15.39 18.62
C PHE A 238 28.39 -14.80 18.95
N TYR A 239 27.33 -15.39 18.36
CA TYR A 239 25.95 -14.96 18.61
C TYR A 239 25.51 -15.37 20.00
N ASP A 240 24.70 -14.52 20.63
CA ASP A 240 24.20 -14.75 21.97
C ASP A 240 22.76 -15.21 21.95
N PHE A 241 22.00 -14.74 20.95
CA PHE A 241 20.58 -15.00 20.83
C PHE A 241 20.18 -15.14 19.37
N VAL A 242 19.34 -16.15 19.05
CA VAL A 242 18.83 -16.36 17.69
C VAL A 242 17.30 -16.31 17.74
N LEU A 243 16.72 -15.30 17.05
CA LEU A 243 15.28 -15.17 16.93
C LEU A 243 14.88 -16.00 15.71
N TRP A 244 14.11 -17.08 15.92
CA TRP A 244 13.75 -18.04 14.88
C TRP A 244 12.32 -17.93 14.35
N GLY A 245 12.19 -17.27 13.20
CA GLY A 245 10.93 -17.08 12.50
C GLY A 245 10.64 -18.26 11.58
N HIS A 246 9.58 -18.17 10.77
CA HIS A 246 9.12 -19.21 9.84
C HIS A 246 8.36 -20.32 10.53
N GLU A 247 8.92 -20.90 11.61
CA GLU A 247 8.26 -21.95 12.37
C GLU A 247 7.12 -21.35 13.16
N HIS A 248 5.90 -21.84 12.90
CA HIS A 248 4.67 -21.32 13.52
C HIS A 248 4.41 -21.76 14.93
N GLU A 249 4.96 -22.93 15.34
CA GLU A 249 4.75 -23.41 16.69
C GLU A 249 5.41 -22.51 17.74
N CYS A 250 4.64 -22.10 18.74
CA CYS A 250 5.15 -21.29 19.82
C CYS A 250 6.02 -22.13 20.76
N LEU A 251 7.34 -21.87 20.74
CA LEU A 251 8.35 -22.49 21.62
C LEU A 251 9.10 -21.32 22.26
N ILE A 252 8.32 -20.36 22.79
CA ILE A 252 8.74 -19.10 23.40
C ILE A 252 9.77 -19.24 24.55
N ASP A 253 9.75 -20.38 25.28
CA ASP A 253 10.69 -20.61 26.39
C ASP A 253 12.15 -20.69 25.95
N GLY A 254 12.37 -21.03 24.68
CA GLY A 254 13.70 -21.10 24.08
C GLY A 254 14.50 -22.35 24.38
N SER A 255 15.61 -22.53 23.64
CA SER A 255 16.52 -23.66 23.77
C SER A 255 17.99 -23.25 23.66
N TYR A 256 18.83 -23.77 24.57
CA TYR A 256 20.27 -23.47 24.61
C TYR A 256 21.07 -24.44 23.78
N ASN A 257 21.98 -23.91 22.95
CA ASN A 257 22.90 -24.71 22.14
C ASN A 257 24.24 -24.76 22.90
N PRO A 258 24.63 -25.91 23.50
CA PRO A 258 25.88 -25.95 24.30
C PRO A 258 27.17 -25.76 23.50
N THR A 259 27.23 -26.33 22.29
CA THR A 259 28.36 -26.24 21.37
C THR A 259 28.57 -24.78 20.89
N GLN A 260 27.47 -24.08 20.52
CA GLN A 260 27.54 -22.71 20.01
C GLN A 260 27.43 -21.62 21.09
N LYS A 261 26.93 -21.97 22.29
CA LYS A 261 26.78 -21.05 23.42
C LYS A 261 25.85 -19.87 23.15
N PHE A 262 24.63 -20.19 22.65
CA PHE A 262 23.55 -19.25 22.35
C PHE A 262 22.19 -19.86 22.64
N THR A 263 21.16 -19.00 22.90
CA THR A 263 19.79 -19.46 23.19
C THR A 263 18.78 -19.08 22.10
N VAL A 264 18.32 -20.07 21.34
CA VAL A 264 17.42 -19.96 20.21
C VAL A 264 15.98 -19.79 20.70
N VAL A 265 15.28 -18.73 20.24
CA VAL A 265 13.88 -18.51 20.62
C VAL A 265 12.99 -18.47 19.37
N GLN A 266 12.04 -19.41 19.32
CA GLN A 266 11.04 -19.59 18.28
C GLN A 266 9.69 -19.09 18.87
N PRO A 267 9.35 -17.78 18.70
CA PRO A 267 8.11 -17.25 19.31
C PRO A 267 6.82 -17.82 18.73
N GLY A 268 6.89 -18.28 17.49
CA GLY A 268 5.74 -18.79 16.75
C GLY A 268 4.93 -17.67 16.14
N SER A 269 3.93 -18.04 15.32
CA SER A 269 3.02 -17.13 14.64
C SER A 269 1.99 -16.53 15.62
N THR A 270 1.18 -15.53 15.15
CA THR A 270 0.11 -14.88 15.93
C THR A 270 -1.26 -15.37 15.46
N ILE A 271 -1.24 -16.34 14.55
CA ILE A 271 -2.43 -16.95 13.95
C ILE A 271 -2.07 -18.36 13.43
N ALA A 272 -3.03 -19.30 13.51
CA ALA A 272 -2.83 -20.63 12.98
C ALA A 272 -3.14 -20.59 11.46
N THR A 273 -2.13 -20.87 10.63
CA THR A 273 -2.25 -20.85 9.16
C THR A 273 -2.66 -22.23 8.56
N SER A 274 -2.71 -23.25 9.42
CA SER A 274 -3.19 -24.60 9.13
C SER A 274 -3.60 -25.24 10.45
N LEU A 275 -4.35 -26.33 10.37
CA LEU A 275 -4.79 -27.05 11.55
C LEU A 275 -3.83 -28.22 11.78
N SER A 276 -2.54 -27.88 12.02
CA SER A 276 -1.40 -28.77 12.26
C SER A 276 -1.17 -28.90 13.76
N PRO A 277 -0.54 -30.00 14.25
CA PRO A 277 -0.27 -30.11 15.70
C PRO A 277 0.60 -28.98 16.25
N GLY A 278 1.52 -28.49 15.42
CA GLY A 278 2.39 -27.36 15.75
C GLY A 278 1.59 -26.10 16.07
N GLU A 279 0.45 -25.90 15.37
CA GLU A 279 -0.40 -24.72 15.55
C GLU A 279 -1.25 -24.68 16.82
N THR A 280 -1.37 -25.83 17.54
CA THR A 280 -2.17 -25.95 18.77
C THR A 280 -1.54 -25.28 20.00
N ALA A 281 -0.18 -25.30 20.13
CA ALA A 281 0.51 -24.70 21.27
C ALA A 281 0.10 -23.22 21.44
N PRO A 282 -0.44 -22.84 22.63
CA PRO A 282 -0.90 -21.44 22.83
C PRO A 282 0.07 -20.36 22.36
N LYS A 283 -0.44 -19.38 21.59
CA LYS A 283 0.39 -18.32 21.02
C LYS A 283 0.81 -17.31 22.05
N HIS A 284 2.07 -16.87 21.93
CA HIS A 284 2.69 -15.88 22.80
C HIS A 284 3.61 -14.96 22.00
N CYS A 285 3.86 -13.77 22.55
CA CYS A 285 4.94 -12.89 22.11
C CYS A 285 5.85 -12.83 23.37
N GLY A 286 6.98 -12.14 23.29
CA GLY A 286 7.87 -11.99 24.43
C GLY A 286 8.58 -10.66 24.51
N ILE A 287 9.11 -10.31 25.69
CA ILE A 287 9.92 -9.11 25.91
C ILE A 287 11.33 -9.56 26.29
N LEU A 288 12.31 -9.31 25.39
CA LEU A 288 13.71 -9.64 25.58
C LEU A 288 14.39 -8.44 26.20
N ASN A 289 14.81 -8.56 27.48
CA ASN A 289 15.47 -7.50 28.26
C ASN A 289 16.96 -7.74 28.22
N ILE A 290 17.70 -6.84 27.61
CA ILE A 290 19.16 -6.96 27.47
C ILE A 290 19.85 -5.95 28.35
N THR A 291 20.65 -6.43 29.33
CA THR A 291 21.48 -5.63 30.23
C THR A 291 22.91 -6.16 30.09
N GLY A 292 23.74 -5.40 29.37
CA GLY A 292 25.12 -5.79 29.10
C GLY A 292 25.15 -6.95 28.14
N LYS A 293 25.60 -8.12 28.62
CA LYS A 293 25.65 -9.37 27.84
C LYS A 293 24.63 -10.39 28.37
N ASP A 294 23.85 -9.98 29.39
CA ASP A 294 22.80 -10.78 30.02
C ASP A 294 21.43 -10.44 29.44
N PHE A 295 20.49 -11.40 29.56
CA PHE A 295 19.13 -11.21 29.12
C PHE A 295 18.10 -11.91 29.98
N HIS A 296 16.90 -11.33 30.03
CA HIS A 296 15.74 -11.89 30.69
C HIS A 296 14.57 -11.84 29.69
N LEU A 297 14.09 -13.03 29.29
CA LEU A 297 12.97 -13.16 28.38
C LEU A 297 11.67 -13.36 29.14
N GLU A 298 10.72 -12.43 28.95
CA GLU A 298 9.40 -12.53 29.58
C GLU A 298 8.39 -12.97 28.51
N LYS A 299 7.63 -14.05 28.77
CA LYS A 299 6.61 -14.54 27.84
C LYS A 299 5.23 -13.93 28.11
N ILE A 300 4.52 -13.55 27.03
CA ILE A 300 3.22 -12.91 27.12
C ILE A 300 2.21 -13.65 26.27
N ARG A 301 1.16 -14.15 26.91
CA ARG A 301 0.08 -14.89 26.28
C ARG A 301 -0.80 -13.93 25.46
N LEU A 302 -0.99 -14.26 24.17
CA LEU A 302 -1.84 -13.49 23.28
C LEU A 302 -3.29 -13.83 23.56
N ARG A 303 -4.07 -12.81 23.92
CA ARG A 303 -5.47 -12.92 24.32
C ARG A 303 -6.47 -13.04 23.18
N THR A 304 -6.10 -12.50 22.00
CA THR A 304 -6.98 -12.43 20.83
C THR A 304 -6.93 -13.65 19.90
N VAL A 305 -5.97 -14.56 20.10
CA VAL A 305 -5.86 -15.74 19.27
C VAL A 305 -7.03 -16.72 19.54
N ARG A 306 -7.74 -17.14 18.49
CA ARG A 306 -8.86 -18.09 18.56
C ARG A 306 -8.34 -19.41 19.16
N PRO A 307 -9.02 -20.00 20.17
CA PRO A 307 -8.56 -21.30 20.66
C PRO A 307 -8.59 -22.38 19.56
N PHE A 308 -7.56 -23.25 19.56
CA PHE A 308 -7.41 -24.39 18.66
C PHE A 308 -7.05 -25.66 19.43
N ILE A 309 -8.00 -26.63 19.50
CA ILE A 309 -7.77 -27.93 20.16
C ILE A 309 -7.77 -29.05 19.12
N MET A 310 -6.76 -29.90 19.20
CA MET A 310 -6.61 -31.09 18.37
C MET A 310 -6.52 -32.33 19.24
N LYS A 311 -7.16 -33.41 18.79
CA LYS A 311 -7.10 -34.71 19.42
C LYS A 311 -6.64 -35.73 18.37
N ASP A 312 -5.64 -36.56 18.74
CA ASP A 312 -5.12 -37.62 17.87
C ASP A 312 -5.70 -38.91 18.41
N ILE A 313 -6.60 -39.54 17.65
CA ILE A 313 -7.31 -40.75 18.09
C ILE A 313 -6.95 -41.97 17.25
N ILE A 314 -6.73 -43.08 17.94
CA ILE A 314 -6.47 -44.40 17.36
C ILE A 314 -7.65 -45.25 17.85
N LEU A 315 -8.58 -45.61 16.94
CA LEU A 315 -9.78 -46.38 17.28
C LEU A 315 -9.51 -47.74 17.88
N SER A 316 -8.47 -48.42 17.42
CA SER A 316 -8.11 -49.72 17.94
C SER A 316 -7.69 -49.65 19.41
N GLU A 317 -7.41 -48.44 19.89
CA GLU A 317 -7.01 -48.24 21.28
C GLU A 317 -8.20 -47.86 22.14
N VAL A 318 -9.39 -47.83 21.55
CA VAL A 318 -10.60 -47.51 22.28
C VAL A 318 -11.37 -48.79 22.60
N SER A 319 -11.09 -49.38 23.75
CA SER A 319 -11.69 -50.63 24.17
C SER A 319 -13.20 -50.65 24.02
N SER A 320 -13.83 -49.50 24.28
CA SER A 320 -15.28 -49.40 24.23
C SER A 320 -15.84 -49.85 22.88
N ILE A 321 -15.05 -49.65 21.82
CA ILE A 321 -15.51 -49.98 20.47
C ILE A 321 -14.98 -51.33 19.98
N PRO A 322 -15.88 -52.27 19.77
CA PRO A 322 -15.53 -53.60 19.27
C PRO A 322 -15.17 -53.56 17.79
N PRO A 323 -14.01 -54.09 17.43
CA PRO A 323 -13.56 -53.99 16.04
C PRO A 323 -14.25 -54.99 15.14
N MET A 324 -14.17 -54.75 13.82
CA MET A 324 -14.61 -55.69 12.78
C MET A 324 -16.09 -56.11 12.83
N VAL A 325 -16.92 -55.18 13.30
CA VAL A 325 -18.38 -55.33 13.34
C VAL A 325 -18.92 -53.97 12.87
N GLU A 326 -20.23 -53.90 12.58
CA GLU A 326 -20.93 -52.68 12.15
C GLU A 326 -21.02 -51.78 13.39
N ASN A 327 -19.94 -51.02 13.62
CA ASN A 327 -19.68 -50.18 14.80
C ASN A 327 -19.79 -48.68 14.59
N LYS A 328 -20.47 -48.21 13.53
CA LYS A 328 -20.61 -46.77 13.27
C LYS A 328 -21.20 -46.02 14.46
N LYS A 329 -22.28 -46.57 15.05
CA LYS A 329 -22.96 -45.97 16.20
C LYS A 329 -21.96 -45.73 17.34
N GLU A 330 -21.18 -46.76 17.70
CA GLU A 330 -20.17 -46.65 18.76
C GLU A 330 -19.01 -45.75 18.41
N VAL A 331 -18.55 -45.77 17.12
CA VAL A 331 -17.48 -44.87 16.64
C VAL A 331 -17.95 -43.41 16.84
N LEU A 332 -19.17 -43.09 16.36
CA LEU A 332 -19.79 -41.75 16.41
C LEU A 332 -19.97 -41.22 17.82
N THR A 333 -20.51 -42.05 18.74
CA THR A 333 -20.71 -41.69 20.15
C THR A 333 -19.40 -41.25 20.78
N TYR A 334 -18.33 -42.05 20.57
CA TYR A 334 -17.02 -41.75 21.10
C TYR A 334 -16.47 -40.44 20.53
N LEU A 335 -16.49 -40.28 19.19
CA LEU A 335 -15.98 -39.07 18.52
C LEU A 335 -16.73 -37.80 18.90
N ILE A 336 -18.07 -37.89 19.04
CA ILE A 336 -18.92 -36.75 19.44
C ILE A 336 -18.52 -36.33 20.87
N SER A 337 -18.24 -37.32 21.76
CA SER A 337 -17.80 -37.02 23.12
C SER A 337 -16.41 -36.34 23.15
N LYS A 338 -15.56 -36.66 22.18
CA LYS A 338 -14.22 -36.07 22.06
C LYS A 338 -14.30 -34.62 21.55
N VAL A 339 -15.29 -34.30 20.68
CA VAL A 339 -15.46 -32.92 20.17
C VAL A 339 -15.94 -32.05 21.35
N GLU A 340 -16.96 -32.54 22.09
CA GLU A 340 -17.55 -31.89 23.28
C GLU A 340 -16.47 -31.57 24.30
N GLU A 341 -15.58 -32.56 24.57
CA GLU A 341 -14.45 -32.43 25.50
C GLU A 341 -13.50 -31.36 24.98
N ALA A 342 -13.16 -31.39 23.67
CA ALA A 342 -12.29 -30.41 23.03
C ALA A 342 -12.86 -28.98 23.12
N ILE A 343 -14.20 -28.81 22.91
CA ILE A 343 -14.88 -27.49 23.00
C ILE A 343 -14.76 -26.93 24.42
N THR A 344 -15.00 -27.78 25.43
CA THR A 344 -14.88 -27.42 26.85
C THR A 344 -13.47 -26.97 27.17
N GLU A 345 -12.44 -27.70 26.67
CA GLU A 345 -11.03 -27.36 26.87
C GLU A 345 -10.69 -26.02 26.19
N ALA A 346 -11.22 -25.81 24.96
CA ALA A 346 -10.99 -24.58 24.19
C ALA A 346 -11.55 -23.37 24.92
N ASN A 347 -12.81 -23.46 25.40
CA ASN A 347 -13.48 -22.37 26.14
C ASN A 347 -12.72 -22.04 27.42
N ALA A 348 -12.23 -23.09 28.14
CA ALA A 348 -11.44 -22.93 29.36
C ALA A 348 -10.09 -22.25 29.06
N GLN A 349 -9.45 -22.64 27.94
CA GLN A 349 -8.18 -22.08 27.44
C GLN A 349 -8.33 -20.56 27.19
N TRP A 350 -9.47 -20.14 26.60
CA TRP A 350 -9.77 -18.75 26.31
C TRP A 350 -10.01 -17.92 27.57
N TYR A 351 -10.87 -18.41 28.51
CA TYR A 351 -11.15 -17.69 29.77
C TYR A 351 -9.87 -17.48 30.60
N GLU A 352 -8.97 -18.47 30.54
CA GLU A 352 -7.63 -18.46 31.16
C GLU A 352 -6.84 -17.29 30.57
N ALA A 353 -6.77 -17.18 29.22
CA ALA A 353 -6.08 -16.12 28.50
C ALA A 353 -6.59 -14.71 28.87
N GLN A 354 -7.91 -14.56 29.13
CA GLN A 354 -8.56 -13.29 29.48
C GLN A 354 -8.49 -12.93 30.97
N GLY A 355 -8.38 -13.94 31.83
CA GLY A 355 -8.42 -13.75 33.27
C GLY A 355 -9.84 -13.48 33.73
N THR A 356 -10.82 -14.14 33.06
CA THR A 356 -12.26 -13.96 33.32
C THR A 356 -13.00 -15.28 33.57
N VAL A 357 -14.27 -15.16 34.00
CA VAL A 357 -15.15 -16.30 34.30
C VAL A 357 -16.41 -16.32 33.41
N PRO A 358 -17.00 -17.51 33.11
CA PRO A 358 -18.23 -17.52 32.28
C PRO A 358 -19.48 -17.02 33.04
N VAL A 359 -19.76 -15.70 32.91
CA VAL A 359 -20.92 -15.00 33.51
C VAL A 359 -21.50 -14.02 32.46
N VAL A 360 -22.81 -13.68 32.61
CA VAL A 360 -23.58 -12.78 31.72
C VAL A 360 -22.89 -11.43 31.38
N GLU A 361 -22.28 -10.77 32.38
CA GLU A 361 -21.56 -9.49 32.26
C GLU A 361 -20.25 -9.64 31.47
N ASN A 362 -19.75 -10.89 31.33
CA ASN A 362 -18.49 -11.16 30.64
C ASN A 362 -18.65 -11.56 29.18
N GLU A 363 -17.70 -11.11 28.34
CA GLU A 363 -17.63 -11.46 26.94
C GLU A 363 -17.44 -13.02 26.83
N LYS A 364 -18.17 -13.63 25.90
CA LYS A 364 -18.15 -15.07 25.66
C LYS A 364 -16.98 -15.43 24.75
N PRO A 365 -16.44 -16.69 24.78
CA PRO A 365 -15.29 -17.00 23.92
C PRO A 365 -15.66 -17.00 22.45
N PRO A 366 -14.72 -16.72 21.52
CA PRO A 366 -15.05 -16.89 20.10
C PRO A 366 -15.18 -18.39 19.83
N LEU A 367 -15.83 -18.76 18.73
CA LEU A 367 -16.00 -20.13 18.30
C LEU A 367 -14.61 -20.76 18.14
N PRO A 368 -14.32 -21.93 18.76
CA PRO A 368 -12.98 -22.50 18.64
C PRO A 368 -12.74 -23.31 17.36
N LEU A 369 -11.45 -23.58 17.07
CA LEU A 369 -11.03 -24.42 15.96
C LEU A 369 -10.82 -25.79 16.56
N ILE A 370 -11.57 -26.80 16.07
CA ILE A 370 -11.52 -28.15 16.62
C ILE A 370 -11.15 -29.15 15.54
N ARG A 371 -10.14 -29.99 15.81
CA ARG A 371 -9.73 -31.02 14.87
C ARG A 371 -9.47 -32.38 15.50
N LEU A 372 -10.15 -33.41 15.00
CA LEU A 372 -9.89 -34.77 15.40
C LEU A 372 -9.22 -35.46 14.24
N ARG A 373 -8.04 -36.08 14.47
CA ARG A 373 -7.33 -36.91 13.48
C ARG A 373 -7.59 -38.32 13.95
N VAL A 374 -8.37 -39.07 13.17
CA VAL A 374 -8.80 -40.40 13.54
C VAL A 374 -8.19 -41.53 12.68
N ASP A 375 -7.37 -42.36 13.34
CA ASP A 375 -6.79 -43.53 12.69
C ASP A 375 -7.84 -44.65 12.84
N TYR A 376 -8.40 -45.11 11.72
CA TYR A 376 -9.41 -46.16 11.73
C TYR A 376 -8.98 -47.56 11.28
N THR A 377 -7.71 -47.87 11.50
CA THR A 377 -7.17 -49.17 11.13
C THR A 377 -7.72 -50.26 12.05
N GLY A 378 -7.88 -51.46 11.51
CA GLY A 378 -8.39 -52.58 12.27
C GLY A 378 -9.87 -52.90 12.22
N GLY A 379 -10.57 -52.28 11.28
CA GLY A 379 -12.00 -52.50 11.12
C GLY A 379 -12.93 -51.57 11.89
N TYR A 380 -13.15 -50.38 11.33
CA TYR A 380 -14.02 -49.39 11.94
C TYR A 380 -14.76 -48.57 10.90
N GLN A 381 -16.07 -48.47 11.06
CA GLN A 381 -16.91 -47.71 10.12
C GLN A 381 -16.72 -46.23 10.43
N THR A 382 -16.85 -45.37 9.39
CA THR A 382 -16.65 -43.92 9.53
C THR A 382 -17.89 -43.13 9.09
N GLU A 383 -17.82 -41.80 9.13
CA GLU A 383 -18.88 -40.90 8.69
C GLU A 383 -18.25 -39.87 7.77
N ASN A 384 -19.05 -39.38 6.79
CA ASN A 384 -18.66 -38.29 5.90
C ASN A 384 -18.17 -37.11 6.78
N PRO A 385 -16.95 -36.59 6.56
CA PRO A 385 -16.42 -35.53 7.43
C PRO A 385 -17.25 -34.25 7.53
N GLN A 386 -17.93 -33.83 6.44
CA GLN A 386 -18.77 -32.64 6.41
C GLN A 386 -20.07 -32.90 7.17
N ARG A 387 -20.65 -34.09 7.02
CA ARG A 387 -21.82 -34.51 7.79
C ARG A 387 -21.46 -34.52 9.30
N PHE A 388 -20.26 -35.05 9.64
CA PHE A 388 -19.81 -35.07 11.03
C PHE A 388 -19.62 -33.65 11.57
N SER A 389 -18.97 -32.79 10.78
CA SER A 389 -18.71 -31.39 11.16
C SER A 389 -20.00 -30.60 11.41
N ASN A 390 -21.03 -30.83 10.56
CA ASN A 390 -22.36 -30.22 10.63
C ASN A 390 -23.07 -30.41 12.00
N ARG A 391 -22.73 -31.49 12.72
CA ARG A 391 -23.26 -31.79 14.05
C ARG A 391 -22.88 -30.68 15.07
N PHE A 392 -21.88 -29.83 14.72
CA PHE A 392 -21.34 -28.76 15.59
C PHE A 392 -21.46 -27.32 15.03
N VAL A 393 -22.44 -27.12 14.10
CA VAL A 393 -22.71 -25.81 13.49
C VAL A 393 -23.12 -24.82 14.57
N GLY A 394 -22.43 -23.69 14.56
CA GLY A 394 -22.57 -22.59 15.52
C GLY A 394 -21.82 -22.82 16.82
N ARG A 395 -21.05 -23.93 16.88
CA ARG A 395 -20.26 -24.29 18.06
C ARG A 395 -18.76 -24.32 17.77
N VAL A 396 -18.36 -24.42 16.47
CA VAL A 396 -16.94 -24.45 16.06
C VAL A 396 -16.66 -23.43 14.93
N ALA A 397 -15.44 -22.89 14.85
CA ALA A 397 -15.06 -21.93 13.79
C ALA A 397 -14.81 -22.61 12.43
N ASN A 398 -14.49 -23.92 12.44
CA ASN A 398 -14.20 -24.68 11.21
C ASN A 398 -15.30 -25.71 10.98
N ALA A 399 -16.49 -25.23 10.69
CA ALA A 399 -17.71 -26.06 10.56
C ALA A 399 -17.73 -27.09 9.42
N THR A 400 -16.66 -27.13 8.63
CA THR A 400 -16.51 -28.01 7.48
C THR A 400 -15.55 -29.21 7.72
N ASP A 401 -14.47 -29.03 8.51
CA ASP A 401 -13.42 -30.05 8.69
C ASP A 401 -12.96 -30.33 10.15
N VAL A 402 -13.91 -30.70 11.00
CA VAL A 402 -13.74 -31.02 12.40
C VAL A 402 -13.02 -32.38 12.57
N VAL A 403 -13.23 -33.32 11.64
CA VAL A 403 -12.64 -34.64 11.67
C VAL A 403 -11.86 -34.96 10.39
N GLN A 404 -10.79 -35.75 10.52
CA GLN A 404 -10.06 -36.29 9.39
C GLN A 404 -9.76 -37.75 9.72
N PHE A 405 -10.32 -38.64 8.91
CA PHE A 405 -10.12 -40.09 9.01
C PHE A 405 -8.97 -40.51 8.13
N TYR A 406 -8.06 -41.31 8.68
CA TYR A 406 -6.90 -41.82 7.95
C TYR A 406 -6.54 -43.25 8.38
N LEU A 407 -5.73 -43.92 7.56
CA LEU A 407 -5.21 -45.26 7.83
C LEU A 407 -3.70 -45.17 8.03
N LYS A 408 -3.17 -45.79 9.10
CA LYS A 408 -1.73 -45.79 9.40
C LYS A 408 -0.94 -46.48 8.28
N ASN B 10 2.28 36.97 1.25
CA ASN B 10 1.08 36.26 0.81
C ASN B 10 0.17 35.93 2.00
N GLU B 11 0.23 36.71 3.10
CA GLU B 11 -0.51 36.45 4.35
C GLU B 11 -2.03 36.29 4.24
N ASN B 12 -2.63 36.84 3.18
CA ASN B 12 -4.06 36.72 2.93
C ASN B 12 -4.29 36.04 1.58
N THR B 13 -3.29 35.31 1.06
CA THR B 13 -3.46 34.63 -0.23
C THR B 13 -3.33 33.13 -0.08
N ILE B 14 -4.43 32.39 -0.30
CA ILE B 14 -4.42 30.93 -0.29
C ILE B 14 -3.87 30.48 -1.64
N ARG B 15 -2.76 29.72 -1.61
CA ARG B 15 -2.08 29.23 -2.79
C ARG B 15 -2.23 27.71 -2.90
N ILE B 16 -2.98 27.28 -3.92
CA ILE B 16 -3.31 25.88 -4.16
C ILE B 16 -2.70 25.38 -5.47
N LEU B 17 -1.88 24.30 -5.40
CA LEU B 17 -1.40 23.68 -6.63
C LEU B 17 -2.53 22.75 -7.09
N ILE B 18 -2.97 22.93 -8.35
CA ILE B 18 -4.06 22.14 -8.90
C ILE B 18 -3.56 21.24 -9.99
N SER B 19 -4.05 20.00 -9.99
CA SER B 19 -3.73 19.00 -11.01
C SER B 19 -4.79 17.92 -10.93
N SER B 20 -4.67 16.89 -11.75
CA SER B 20 -5.66 15.82 -11.77
C SER B 20 -5.13 14.68 -12.59
N ASP B 21 -5.79 13.54 -12.48
CA ASP B 21 -5.50 12.36 -13.29
C ASP B 21 -4.03 12.01 -13.47
N PRO B 22 -3.20 11.93 -12.39
CA PRO B 22 -1.85 11.40 -12.60
C PRO B 22 -2.13 9.91 -12.85
N HIS B 23 -1.41 9.18 -13.55
CA HIS B 23 -2.23 7.90 -13.53
C HIS B 23 -1.25 6.93 -13.01
N VAL B 24 -0.90 7.07 -11.68
CA VAL B 24 0.21 6.31 -11.12
C VAL B 24 0.07 4.83 -11.40
N GLY B 25 1.05 4.29 -12.10
CA GLY B 25 1.08 2.88 -12.50
C GLY B 25 0.79 2.68 -13.98
N TYR B 26 0.22 3.70 -14.70
CA TYR B 26 -0.08 3.58 -16.14
C TYR B 26 1.17 3.28 -16.98
N GLY B 27 1.12 2.19 -17.75
CA GLY B 27 2.22 1.77 -18.62
C GLY B 27 3.50 1.35 -17.94
N GLU B 28 3.41 0.96 -16.67
CA GLU B 28 4.61 0.58 -15.91
C GLU B 28 5.43 -0.60 -16.45
N LYS B 29 4.79 -1.45 -17.24
CA LYS B 29 5.41 -2.67 -17.76
C LYS B 29 6.11 -2.32 -19.07
N ASP B 30 5.78 -1.15 -19.69
CA ASP B 30 6.39 -0.73 -20.96
C ASP B 30 7.90 -0.48 -20.77
N PRO B 31 8.78 -1.07 -21.60
CA PRO B 31 10.23 -0.88 -21.39
C PRO B 31 10.73 0.54 -21.61
N VAL B 32 10.05 1.32 -22.45
CA VAL B 32 10.44 2.71 -22.68
C VAL B 32 9.73 3.67 -21.70
N ARG B 33 8.41 3.50 -21.58
CA ARG B 33 7.49 4.37 -20.86
C ARG B 33 7.19 4.03 -19.41
N GLY B 34 7.74 2.92 -18.93
CA GLY B 34 7.52 2.37 -17.59
C GLY B 34 7.60 3.29 -16.38
N ASN B 35 8.46 4.33 -16.43
CA ASN B 35 8.62 5.25 -15.30
C ASN B 35 7.93 6.59 -15.40
N ASP B 36 7.28 6.86 -16.56
CA ASP B 36 6.61 8.14 -16.86
C ASP B 36 5.63 8.60 -15.80
N SER B 37 4.69 7.71 -15.41
CA SER B 37 3.63 8.08 -14.46
C SER B 37 4.20 8.47 -13.08
N PHE B 38 5.26 7.79 -12.66
CA PHE B 38 5.90 8.06 -11.35
C PHE B 38 6.65 9.37 -11.38
N VAL B 39 7.44 9.60 -12.45
CA VAL B 39 8.25 10.81 -12.63
C VAL B 39 7.38 12.06 -12.67
N SER B 40 6.25 12.02 -13.41
CA SER B 40 5.35 13.16 -13.54
C SER B 40 4.46 13.39 -12.31
N PHE B 41 4.05 12.32 -11.61
CA PHE B 41 3.30 12.51 -10.36
C PHE B 41 4.30 13.14 -9.35
N ASN B 42 5.56 12.69 -9.34
CA ASN B 42 6.61 13.29 -8.50
C ASN B 42 6.78 14.79 -8.84
N GLU B 43 6.78 15.13 -10.15
CA GLU B 43 6.94 16.51 -10.61
C GLU B 43 5.90 17.48 -10.03
N ILE B 44 4.61 17.14 -10.06
CA ILE B 44 3.60 18.05 -9.50
C ILE B 44 3.82 18.35 -8.01
N LEU B 45 4.25 17.33 -7.21
CA LEU B 45 4.53 17.50 -5.78
C LEU B 45 5.82 18.32 -5.58
N GLU B 46 6.81 18.14 -6.46
CA GLU B 46 8.08 18.86 -6.43
C GLU B 46 7.86 20.34 -6.76
N ILE B 47 6.99 20.65 -7.77
CA ILE B 47 6.63 22.03 -8.14
C ILE B 47 5.93 22.68 -6.91
N ALA B 48 4.98 21.96 -6.27
CA ALA B 48 4.25 22.45 -5.08
C ALA B 48 5.21 22.86 -3.94
N ARG B 49 6.25 22.04 -3.67
CA ARG B 49 7.28 22.31 -2.67
C ARG B 49 8.16 23.50 -3.06
N GLU B 50 8.70 23.47 -4.30
CA GLU B 50 9.59 24.53 -4.82
C GLU B 50 8.90 25.87 -4.88
N ARG B 51 7.59 25.89 -5.19
CA ARG B 51 6.80 27.11 -5.31
C ARG B 51 6.14 27.58 -4.02
N ASP B 52 6.33 26.81 -2.93
CA ASP B 52 5.88 27.13 -1.57
C ASP B 52 4.35 27.39 -1.46
N VAL B 53 3.54 26.52 -2.08
CA VAL B 53 2.08 26.62 -2.01
C VAL B 53 1.61 26.23 -0.59
N ASP B 54 0.37 26.57 -0.24
CA ASP B 54 -0.20 26.23 1.05
C ASP B 54 -0.78 24.82 1.03
N MET B 55 -1.29 24.37 -0.14
CA MET B 55 -1.92 23.04 -0.26
C MET B 55 -1.94 22.56 -1.70
N ILE B 56 -2.24 21.26 -1.89
CA ILE B 56 -2.38 20.62 -3.20
C ILE B 56 -3.81 20.12 -3.32
N LEU B 57 -4.42 20.33 -4.50
CA LEU B 57 -5.77 19.87 -4.77
C LEU B 57 -5.79 19.04 -6.04
N LEU B 58 -6.23 17.78 -5.92
CA LEU B 58 -6.27 16.85 -7.03
C LEU B 58 -7.68 16.41 -7.36
N GLY B 59 -7.93 16.25 -8.65
CA GLY B 59 -9.25 15.91 -9.18
C GLY B 59 -9.53 14.44 -9.44
N GLY B 60 -8.78 13.53 -8.81
CA GLY B 60 -9.03 12.09 -8.93
C GLY B 60 -8.22 11.36 -9.98
N ASP B 61 -8.43 10.02 -10.06
CA ASP B 61 -7.67 9.06 -10.87
C ASP B 61 -6.19 9.12 -10.50
N ILE B 62 -5.92 9.09 -9.19
CA ILE B 62 -4.57 9.11 -8.63
C ILE B 62 -3.81 7.89 -9.13
N PHE B 63 -4.44 6.71 -9.02
CA PHE B 63 -3.85 5.45 -9.48
C PHE B 63 -4.58 4.97 -10.74
N HIS B 64 -3.83 4.39 -11.69
CA HIS B 64 -4.39 3.80 -12.91
C HIS B 64 -5.22 2.52 -12.59
N ASP B 65 -4.68 1.64 -11.74
CA ASP B 65 -5.33 0.38 -11.39
C ASP B 65 -6.05 0.48 -10.07
N ASN B 66 -7.23 -0.17 -9.99
CA ASN B 66 -8.08 -0.27 -8.81
C ASN B 66 -7.26 -0.90 -7.64
N LYS B 67 -6.44 -1.90 -7.96
CA LYS B 67 -5.53 -2.56 -7.03
C LYS B 67 -4.12 -2.21 -7.54
N PRO B 68 -3.54 -1.06 -7.14
CA PRO B 68 -2.21 -0.69 -7.67
C PRO B 68 -1.15 -1.73 -7.36
N SER B 69 -0.17 -1.84 -8.27
CA SER B 69 0.96 -2.71 -8.05
C SER B 69 1.73 -2.17 -6.82
N ARG B 70 2.60 -3.00 -6.23
CA ARG B 70 3.41 -2.62 -5.07
C ARG B 70 4.38 -1.48 -5.46
N LYS B 71 4.94 -1.53 -6.69
CA LYS B 71 5.84 -0.49 -7.21
C LYS B 71 5.09 0.87 -7.28
N ALA B 72 3.87 0.90 -7.88
CA ALA B 72 3.03 2.09 -8.03
C ALA B 72 2.72 2.75 -6.67
N LEU B 73 2.29 1.92 -5.71
CA LEU B 73 1.97 2.40 -4.37
C LEU B 73 3.22 2.93 -3.66
N TYR B 74 4.35 2.20 -3.78
CA TYR B 74 5.61 2.59 -3.20
C TYR B 74 6.07 3.96 -3.75
N GLN B 75 6.01 4.12 -5.09
CA GLN B 75 6.43 5.36 -5.75
C GLN B 75 5.57 6.55 -5.34
N ALA B 76 4.24 6.37 -5.26
CA ALA B 76 3.33 7.43 -4.84
C ALA B 76 3.63 7.86 -3.40
N LEU B 77 3.77 6.88 -2.48
CA LEU B 77 4.06 7.12 -1.06
C LEU B 77 5.40 7.79 -0.89
N ARG B 78 6.42 7.37 -1.65
CA ARG B 78 7.76 7.95 -1.58
C ARG B 78 7.75 9.44 -1.99
N SER B 79 7.10 9.76 -3.12
CA SER B 79 7.00 11.14 -3.58
C SER B 79 6.24 12.05 -2.60
N LEU B 80 5.11 11.58 -2.06
CA LEU B 80 4.32 12.34 -1.08
C LEU B 80 5.12 12.56 0.20
N ARG B 81 5.79 11.52 0.72
CA ARG B 81 6.60 11.66 1.92
C ARG B 81 7.74 12.69 1.73
N LEU B 82 8.51 12.57 0.65
CA LEU B 82 9.67 13.46 0.39
C LEU B 82 9.32 14.88 0.05
N ASN B 83 8.16 15.11 -0.59
CA ASN B 83 7.76 16.46 -0.98
C ASN B 83 6.75 17.14 -0.07
N CYS B 84 5.97 16.41 0.72
CA CYS B 84 4.90 17.02 1.51
C CYS B 84 5.16 17.17 2.99
N LEU B 85 6.13 16.42 3.52
CA LEU B 85 6.52 16.52 4.94
C LEU B 85 7.68 17.49 5.10
N GLY B 86 7.72 18.19 6.23
CA GLY B 86 8.78 19.14 6.53
C GLY B 86 8.44 20.20 7.56
N ASP B 87 9.45 21.02 7.90
CA ASP B 87 9.39 22.09 8.90
C ASP B 87 8.46 23.27 8.59
N LYS B 88 8.18 23.52 7.30
CA LYS B 88 7.27 24.57 6.82
C LYS B 88 5.96 24.60 7.64
N PRO B 89 5.59 25.76 8.23
CA PRO B 89 4.35 25.81 9.00
C PRO B 89 3.12 25.89 8.09
N CYS B 90 2.04 25.13 8.37
CA CYS B 90 0.85 25.26 7.51
C CYS B 90 0.07 26.47 8.03
N GLU B 91 -0.06 27.51 7.19
CA GLU B 91 -0.75 28.76 7.56
C GLU B 91 -2.25 28.67 7.35
N LEU B 92 -2.76 27.47 7.03
CA LEU B 92 -4.20 27.28 6.85
C LEU B 92 -4.84 26.86 8.15
N GLU B 93 -5.79 27.66 8.63
CA GLU B 93 -6.53 27.37 9.84
C GLU B 93 -7.79 26.60 9.45
N LEU B 94 -8.00 25.41 10.05
CA LEU B 94 -9.19 24.61 9.80
C LEU B 94 -10.30 25.10 10.72
N LEU B 95 -11.44 25.48 10.13
CA LEU B 95 -12.58 26.06 10.83
C LEU B 95 -13.73 25.06 11.00
N SER B 96 -13.72 23.96 10.19
CA SER B 96 -14.74 22.91 10.19
C SER B 96 -14.37 21.65 11.01
N ASP B 97 -15.36 20.79 11.31
CA ASP B 97 -15.16 19.55 12.08
C ASP B 97 -15.79 18.34 11.40
N ALA B 106 -8.98 9.84 14.04
CA ALA B 106 -7.78 9.07 14.23
C ALA B 106 -7.68 8.44 12.86
N VAL B 107 -6.71 8.90 12.08
CA VAL B 107 -6.39 8.32 10.78
C VAL B 107 -7.39 8.79 9.73
N CYS B 108 -8.41 9.50 10.19
CA CYS B 108 -9.40 10.10 9.31
C CYS B 108 -9.47 11.60 9.51
N ASN B 109 -8.48 12.14 10.21
CA ASN B 109 -8.44 13.55 10.55
C ASN B 109 -7.65 14.18 9.43
N ILE B 110 -7.64 15.51 9.39
CA ILE B 110 -6.92 16.24 8.38
C ILE B 110 -5.50 16.04 8.85
N ASN B 111 -4.66 15.58 7.94
CA ASN B 111 -3.27 15.22 8.22
C ASN B 111 -2.36 16.24 8.90
N TYR B 112 -2.42 17.51 8.50
CA TYR B 112 -1.53 18.52 9.09
C TYR B 112 -1.79 18.83 10.57
N LEU B 113 -2.93 18.39 11.10
CA LEU B 113 -3.27 18.59 12.50
C LEU B 113 -2.79 17.42 13.38
N ASP B 114 -2.21 16.38 12.77
CA ASP B 114 -1.66 15.23 13.50
C ASP B 114 -0.39 15.66 14.23
N PRO B 115 -0.29 15.43 15.57
CA PRO B 115 0.92 15.84 16.28
C PRO B 115 2.14 14.92 16.05
N ASN B 116 1.96 13.79 15.33
CA ASN B 116 3.06 12.85 15.11
C ASN B 116 3.66 12.87 13.73
N ILE B 117 3.12 13.72 12.86
CA ILE B 117 3.55 13.85 11.45
C ILE B 117 3.68 15.34 11.14
N ASN B 118 4.84 15.75 10.62
CA ASN B 118 5.09 17.15 10.24
C ASN B 118 4.75 17.40 8.78
N VAL B 119 3.48 17.68 8.51
CA VAL B 119 2.96 17.93 7.18
C VAL B 119 3.23 19.40 6.78
N ALA B 120 4.09 19.60 5.78
CA ALA B 120 4.40 20.95 5.30
C ALA B 120 3.35 21.36 4.26
N ILE B 121 2.97 20.43 3.36
CA ILE B 121 1.99 20.73 2.31
C ILE B 121 0.86 19.70 2.27
N PRO B 122 -0.32 20.00 2.88
CA PRO B 122 -1.44 19.03 2.83
C PRO B 122 -2.01 18.83 1.41
N VAL B 123 -2.23 17.56 1.04
CA VAL B 123 -2.81 17.15 -0.26
C VAL B 123 -4.27 16.80 -0.04
N PHE B 124 -5.15 17.31 -0.91
CA PHE B 124 -6.57 17.05 -0.88
C PHE B 124 -6.95 16.43 -2.20
N SER B 125 -7.63 15.28 -2.15
CA SER B 125 -8.05 14.60 -3.37
C SER B 125 -9.38 13.91 -3.25
N ILE B 126 -10.14 13.95 -4.33
CA ILE B 126 -11.39 13.17 -4.44
C ILE B 126 -10.96 11.85 -5.15
N HIS B 127 -11.88 10.89 -5.23
CA HIS B 127 -11.59 9.62 -5.87
C HIS B 127 -12.09 9.78 -7.30
N GLY B 128 -11.40 9.12 -8.23
CA GLY B 128 -11.76 9.19 -9.64
C GLY B 128 -12.44 7.87 -9.96
N ASN B 129 -12.75 7.66 -11.24
CA ASN B 129 -13.41 6.44 -11.67
C ASN B 129 -12.47 5.23 -11.65
N HIS B 130 -11.17 5.50 -11.77
CA HIS B 130 -10.17 4.45 -11.77
C HIS B 130 -9.82 4.03 -10.34
N ASP B 131 -10.04 4.94 -9.40
CA ASP B 131 -9.74 4.66 -7.99
C ASP B 131 -10.78 3.72 -7.39
N ASP B 132 -12.05 3.92 -7.71
CA ASP B 132 -13.09 2.93 -7.38
C ASP B 132 -13.25 2.39 -5.93
N ARG B 138 -14.16 -2.01 -0.20
CA ARG B 138 -14.44 -1.05 0.85
C ARG B 138 -13.22 -0.20 1.17
N TYR B 139 -12.05 -0.67 0.75
CA TYR B 139 -10.80 0.04 0.99
C TYR B 139 -10.11 0.41 -0.32
N SER B 140 -10.30 1.65 -0.75
CA SER B 140 -9.69 2.14 -1.99
C SER B 140 -8.22 2.49 -1.78
N ALA B 141 -7.47 2.53 -2.87
CA ALA B 141 -6.05 2.84 -2.82
C ALA B 141 -5.84 4.25 -2.15
N LEU B 142 -6.85 5.11 -2.27
CA LEU B 142 -6.90 6.46 -1.69
C LEU B 142 -7.06 6.39 -0.16
N ASP B 143 -7.74 5.33 0.35
CA ASP B 143 -7.84 5.09 1.79
C ASP B 143 -6.45 4.79 2.34
N ILE B 144 -5.61 4.07 1.56
CA ILE B 144 -4.22 3.74 1.94
C ILE B 144 -3.39 5.03 2.03
N LEU B 145 -3.50 5.94 1.03
CA LEU B 145 -2.79 7.23 1.09
C LEU B 145 -3.20 8.03 2.32
N GLN B 146 -4.49 8.03 2.64
CA GLN B 146 -5.01 8.71 3.81
C GLN B 146 -4.55 8.10 5.13
N VAL B 147 -4.61 6.75 5.27
CA VAL B 147 -4.21 6.08 6.50
C VAL B 147 -2.72 6.34 6.88
N THR B 148 -1.84 6.54 5.90
CA THR B 148 -0.41 6.82 6.12
C THR B 148 -0.19 8.28 6.58
N GLY B 149 -1.22 9.11 6.50
CA GLY B 149 -1.16 10.52 6.86
C GLY B 149 -0.64 11.43 5.75
N LEU B 150 -0.58 10.93 4.51
CA LEU B 150 0.00 11.67 3.38
C LEU B 150 -0.96 12.41 2.44
N VAL B 151 -2.24 12.00 2.43
CA VAL B 151 -3.29 12.58 1.59
C VAL B 151 -4.58 12.70 2.44
N ASN B 152 -5.37 13.77 2.19
CA ASN B 152 -6.69 13.96 2.78
C ASN B 152 -7.70 13.60 1.69
N TYR B 153 -8.24 12.40 1.78
CA TYR B 153 -9.24 11.88 0.86
C TYR B 153 -10.59 12.50 1.29
N PHE B 154 -11.16 13.33 0.43
CA PHE B 154 -12.42 14.03 0.72
C PHE B 154 -13.45 13.83 -0.40
N GLY B 155 -14.63 14.41 -0.20
CA GLY B 155 -15.75 14.33 -1.13
C GLY B 155 -16.25 12.92 -1.41
N ARG B 156 -16.29 12.07 -0.37
CA ARG B 156 -16.78 10.70 -0.49
C ARG B 156 -18.27 10.69 -0.85
N VAL B 157 -18.67 9.73 -1.70
CA VAL B 157 -20.07 9.56 -2.13
C VAL B 157 -20.52 8.16 -1.68
N PRO B 158 -21.03 8.02 -0.43
CA PRO B 158 -21.40 6.68 0.06
C PRO B 158 -22.64 6.10 -0.61
N GLU B 159 -23.69 6.91 -0.80
CA GLU B 159 -24.92 6.46 -1.42
C GLU B 159 -25.19 7.30 -2.65
N ASN B 160 -25.23 6.66 -3.83
CA ASN B 160 -25.50 7.30 -5.13
C ASN B 160 -26.89 7.98 -5.15
N ASP B 161 -27.86 7.38 -4.43
CA ASP B 161 -29.24 7.84 -4.28
C ASP B 161 -29.32 9.22 -3.61
N ASN B 162 -28.78 9.37 -2.38
CA ASN B 162 -28.78 10.66 -1.67
C ASN B 162 -27.35 11.17 -1.41
N ILE B 163 -26.95 12.26 -2.10
CA ILE B 163 -25.61 12.84 -1.99
C ILE B 163 -25.62 14.11 -1.12
N VAL B 164 -24.80 14.15 -0.05
CA VAL B 164 -24.66 15.31 0.85
C VAL B 164 -23.24 15.88 0.70
N VAL B 165 -23.13 17.04 0.04
CA VAL B 165 -21.86 17.73 -0.27
C VAL B 165 -21.54 18.78 0.82
N SER B 166 -20.68 18.38 1.76
CA SER B 166 -20.22 19.17 2.91
C SER B 166 -18.81 19.75 2.67
N PRO B 167 -18.56 21.01 3.08
CA PRO B 167 -17.23 21.61 2.81
C PRO B 167 -16.18 21.50 3.91
N ILE B 168 -14.92 21.63 3.48
CA ILE B 168 -13.76 21.75 4.37
C ILE B 168 -13.56 23.26 4.42
N LEU B 169 -13.59 23.84 5.62
CA LEU B 169 -13.47 25.28 5.83
C LEU B 169 -12.07 25.68 6.27
N LEU B 170 -11.39 26.48 5.45
CA LEU B 170 -10.00 26.90 5.66
C LEU B 170 -9.84 28.43 5.62
N GLN B 171 -8.95 28.95 6.48
CA GLN B 171 -8.70 30.39 6.56
C GLN B 171 -7.22 30.73 6.56
N LYS B 172 -6.84 31.77 5.82
CA LYS B 172 -5.48 32.31 5.80
C LYS B 172 -5.65 33.83 5.79
N GLY B 173 -5.44 34.46 6.95
CA GLY B 173 -5.63 35.89 7.11
C GLY B 173 -7.11 36.22 6.97
N PHE B 174 -7.43 37.22 6.15
CA PHE B 174 -8.80 37.63 5.93
C PHE B 174 -9.40 36.95 4.70
N THR B 175 -8.97 35.72 4.44
CA THR B 175 -9.45 34.97 3.29
C THR B 175 -10.02 33.62 3.72
N LYS B 176 -11.30 33.40 3.45
CA LYS B 176 -11.96 32.16 3.79
C LYS B 176 -12.12 31.26 2.57
N LEU B 177 -12.04 29.95 2.78
CA LEU B 177 -12.18 28.99 1.69
C LEU B 177 -13.13 27.86 2.06
N ALA B 178 -14.09 27.59 1.20
CA ALA B 178 -15.06 26.52 1.42
C ALA B 178 -14.81 25.50 0.31
N LEU B 179 -14.06 24.45 0.64
CA LEU B 179 -13.66 23.43 -0.33
C LEU B 179 -14.67 22.29 -0.37
N TYR B 180 -15.24 22.04 -1.56
CA TYR B 180 -16.23 21.00 -1.75
C TYR B 180 -15.75 20.00 -2.77
N GLY B 181 -16.12 18.75 -2.56
CA GLY B 181 -15.78 17.69 -3.48
C GLY B 181 -16.89 16.67 -3.69
N ILE B 182 -17.01 16.17 -4.93
CA ILE B 182 -17.92 15.10 -5.29
C ILE B 182 -17.05 14.08 -5.98
N SER B 183 -16.80 12.93 -5.34
CA SER B 183 -16.01 11.86 -5.95
C SER B 183 -16.79 11.28 -7.14
N ASN B 184 -16.08 10.62 -8.07
CA ASN B 184 -16.70 10.03 -9.25
C ASN B 184 -17.90 9.13 -8.93
N VAL B 185 -19.00 9.37 -9.64
CA VAL B 185 -20.27 8.66 -9.60
C VAL B 185 -20.59 8.34 -11.06
N ARG B 186 -21.14 7.13 -11.36
CA ARG B 186 -21.57 6.75 -12.72
C ARG B 186 -22.40 7.93 -13.24
N ASP B 187 -21.92 8.56 -14.34
CA ASP B 187 -22.49 9.78 -14.93
C ASP B 187 -24.01 9.85 -15.02
N GLU B 188 -24.66 8.74 -15.39
CA GLU B 188 -26.12 8.62 -15.51
C GLU B 188 -26.76 8.69 -14.12
N ARG B 189 -26.16 7.99 -13.12
CA ARG B 189 -26.63 7.95 -11.73
C ARG B 189 -26.56 9.32 -11.06
N LEU B 190 -25.48 10.11 -11.30
CA LEU B 190 -25.34 11.47 -10.76
C LEU B 190 -26.34 12.41 -11.42
N TYR B 191 -26.50 12.29 -12.78
CA TYR B 191 -27.43 13.10 -13.57
C TYR B 191 -28.86 12.90 -13.07
N HIS B 192 -29.23 11.62 -12.82
CA HIS B 192 -30.51 11.14 -12.32
C HIS B 192 -30.74 11.71 -10.92
N SER B 193 -29.69 11.68 -10.07
CA SER B 193 -29.73 12.20 -8.70
C SER B 193 -30.01 13.70 -8.69
N PHE B 194 -29.34 14.48 -9.58
CA PHE B 194 -29.54 15.93 -9.68
C PHE B 194 -30.95 16.26 -10.15
N ARG B 195 -31.48 15.43 -11.09
CA ARG B 195 -32.82 15.54 -11.66
C ARG B 195 -33.93 15.36 -10.61
N GLU B 196 -33.83 14.33 -9.73
CA GLU B 196 -34.80 14.05 -8.65
C GLU B 196 -34.59 14.96 -7.42
N ASN B 197 -33.73 16.01 -7.50
CA ASN B 197 -33.41 16.94 -6.41
C ASN B 197 -32.81 16.17 -5.20
N LYS B 198 -31.94 15.18 -5.49
CA LYS B 198 -31.33 14.32 -4.48
C LYS B 198 -29.85 14.65 -4.13
N VAL B 199 -29.36 15.84 -4.52
CA VAL B 199 -28.00 16.30 -4.23
C VAL B 199 -28.10 17.51 -3.29
N LYS B 200 -27.72 17.32 -2.01
CA LYS B 200 -27.80 18.35 -0.97
C LYS B 200 -26.47 19.08 -0.69
N PHE B 201 -26.43 20.40 -0.90
CA PHE B 201 -25.24 21.23 -0.65
C PHE B 201 -25.31 21.98 0.68
N LEU B 202 -24.42 21.61 1.63
CA LEU B 202 -24.35 22.24 2.95
C LEU B 202 -23.45 23.48 2.91
N ARG B 203 -24.04 24.68 3.05
CA ARG B 203 -23.31 25.94 3.06
C ARG B 203 -23.10 26.44 4.50
N PRO B 204 -21.98 27.15 4.83
CA PRO B 204 -21.83 27.66 6.21
C PRO B 204 -22.68 28.89 6.50
N ASP B 205 -23.36 28.88 7.66
CA ASP B 205 -24.24 29.95 8.17
C ASP B 205 -23.42 31.22 8.45
N LEU B 206 -22.32 31.11 9.24
CA LEU B 206 -21.42 32.21 9.58
C LEU B 206 -20.59 32.65 8.38
N TYR B 207 -20.49 33.98 8.18
CA TYR B 207 -19.73 34.67 7.11
C TYR B 207 -20.13 34.10 5.74
N ARG B 208 -21.45 33.88 5.52
CA ARG B 208 -22.11 33.33 4.32
C ARG B 208 -21.46 33.74 3.00
N ASP B 209 -21.42 35.06 2.71
CA ASP B 209 -20.91 35.64 1.47
C ASP B 209 -19.40 35.88 1.40
N GLU B 210 -18.65 35.60 2.48
CA GLU B 210 -17.20 35.82 2.52
C GLU B 210 -16.41 34.65 1.90
N TRP B 211 -16.97 33.44 1.96
CA TRP B 211 -16.35 32.20 1.48
C TRP B 211 -16.15 32.15 -0.04
N PHE B 212 -14.93 31.75 -0.46
CA PHE B 212 -14.64 31.51 -1.87
C PHE B 212 -15.01 30.03 -2.04
N ASN B 213 -16.07 29.76 -2.81
CA ASN B 213 -16.61 28.41 -2.99
C ASN B 213 -15.96 27.63 -4.12
N LEU B 214 -15.23 26.56 -3.76
CA LEU B 214 -14.51 25.75 -4.73
C LEU B 214 -15.06 24.34 -4.79
N LEU B 215 -15.53 23.93 -5.98
CA LEU B 215 -16.04 22.58 -6.18
C LEU B 215 -15.04 21.74 -6.99
N THR B 216 -14.81 20.49 -6.56
CA THR B 216 -13.95 19.54 -7.26
C THR B 216 -14.80 18.37 -7.73
N VAL B 217 -14.74 18.08 -9.04
CA VAL B 217 -15.50 16.98 -9.67
C VAL B 217 -14.62 16.09 -10.54
N HIS B 218 -15.11 14.87 -10.79
CA HIS B 218 -14.51 13.87 -11.66
C HIS B 218 -15.63 13.24 -12.50
N GLN B 219 -16.04 13.93 -13.57
CA GLN B 219 -17.12 13.49 -14.48
C GLN B 219 -16.86 13.89 -15.94
N ASN B 220 -17.67 13.34 -16.86
CA ASN B 220 -17.63 13.73 -18.27
C ASN B 220 -18.15 15.16 -18.38
N HIS B 221 -17.46 15.99 -19.17
CA HIS B 221 -17.84 17.37 -19.36
C HIS B 221 -18.87 17.46 -20.52
N SER B 222 -18.85 16.43 -21.38
CA SER B 222 -19.74 16.25 -22.53
C SER B 222 -19.89 14.75 -22.81
N ALA B 223 -20.94 14.34 -23.53
CA ALA B 223 -21.18 12.93 -23.88
C ALA B 223 -22.03 12.79 -25.13
N HIS B 224 -22.01 11.57 -25.74
CA HIS B 224 -22.81 11.23 -26.92
C HIS B 224 -24.29 11.19 -26.55
N THR B 225 -24.62 10.73 -25.32
CA THR B 225 -25.99 10.67 -24.80
C THR B 225 -26.26 11.87 -23.87
N PRO B 226 -27.50 12.43 -23.82
CA PRO B 226 -27.75 13.60 -22.96
C PRO B 226 -27.83 13.33 -21.44
N THR B 227 -27.69 12.07 -21.01
CA THR B 227 -27.74 11.69 -19.59
C THR B 227 -26.38 11.23 -19.03
N SER B 228 -25.38 10.99 -19.90
CA SER B 228 -24.05 10.48 -19.53
C SER B 228 -22.94 11.51 -19.27
N TYR B 229 -23.28 12.67 -18.69
CA TYR B 229 -22.34 13.75 -18.36
C TYR B 229 -22.97 14.68 -17.35
N LEU B 230 -22.17 15.61 -16.81
CA LEU B 230 -22.66 16.59 -15.85
C LEU B 230 -22.72 17.97 -16.50
N PRO B 231 -23.95 18.49 -16.81
CA PRO B 231 -24.03 19.83 -17.42
C PRO B 231 -23.63 20.89 -16.40
N GLU B 232 -22.86 21.92 -16.81
CA GLU B 232 -22.40 23.00 -15.92
C GLU B 232 -23.57 23.76 -15.25
N SER B 233 -24.71 23.91 -15.99
CA SER B 233 -25.93 24.59 -15.55
C SER B 233 -26.50 23.95 -14.28
N PHE B 234 -26.30 22.62 -14.10
CA PHE B 234 -26.76 21.85 -12.95
C PHE B 234 -26.04 22.23 -11.67
N ILE B 235 -24.82 22.80 -11.79
CA ILE B 235 -23.98 23.14 -10.65
C ILE B 235 -24.39 24.50 -10.10
N GLN B 236 -24.76 24.53 -8.80
CA GLN B 236 -25.18 25.72 -8.05
C GLN B 236 -24.31 26.93 -8.34
N ASP B 237 -24.96 28.07 -8.61
CA ASP B 237 -24.32 29.33 -8.98
C ASP B 237 -23.56 30.08 -7.87
N PHE B 238 -23.71 29.59 -6.63
CA PHE B 238 -22.99 30.12 -5.46
C PHE B 238 -21.49 29.78 -5.53
N TYR B 239 -21.13 28.79 -6.36
CA TYR B 239 -19.74 28.38 -6.58
C TYR B 239 -18.99 29.42 -7.36
N ASP B 240 -17.71 29.61 -7.03
CA ASP B 240 -16.85 30.59 -7.68
C ASP B 240 -15.90 29.92 -8.67
N PHE B 241 -15.50 28.69 -8.34
CA PHE B 241 -14.52 27.95 -9.11
C PHE B 241 -14.87 26.46 -9.13
N VAL B 242 -14.74 25.82 -10.31
CA VAL B 242 -14.99 24.39 -10.46
C VAL B 242 -13.72 23.74 -11.01
N LEU B 243 -13.10 22.85 -10.20
CA LEU B 243 -11.94 22.09 -10.63
C LEU B 243 -12.49 20.83 -11.32
N TRP B 244 -12.25 20.72 -12.65
CA TRP B 244 -12.80 19.63 -13.46
C TRP B 244 -11.82 18.52 -13.83
N GLY B 245 -11.89 17.42 -13.06
CA GLY B 245 -11.10 16.21 -13.28
C GLY B 245 -11.74 15.29 -14.29
N HIS B 246 -11.17 14.09 -14.49
CA HIS B 246 -11.64 13.06 -15.43
C HIS B 246 -11.21 13.36 -16.87
N GLU B 247 -11.47 14.59 -17.35
CA GLU B 247 -11.09 14.98 -18.71
C GLU B 247 -9.59 15.16 -18.77
N HIS B 248 -8.92 14.39 -19.63
CA HIS B 248 -7.47 14.37 -19.75
C HIS B 248 -6.86 15.53 -20.52
N GLU B 249 -7.63 16.16 -21.43
CA GLU B 249 -7.11 17.29 -22.19
C GLU B 249 -6.83 18.51 -21.29
N CYS B 250 -5.63 19.05 -21.40
CA CYS B 250 -5.23 20.24 -20.64
C CYS B 250 -5.91 21.48 -21.23
N LEU B 251 -6.87 22.06 -20.49
CA LEU B 251 -7.59 23.29 -20.81
C LEU B 251 -7.43 24.21 -19.58
N ILE B 252 -6.16 24.30 -19.10
CA ILE B 252 -5.71 25.03 -17.90
C ILE B 252 -6.12 26.52 -17.85
N ASP B 253 -6.28 27.17 -19.02
CA ASP B 253 -6.68 28.58 -19.11
C ASP B 253 -8.06 28.86 -18.53
N GLY B 254 -8.91 27.83 -18.45
CA GLY B 254 -10.26 27.89 -17.90
C GLY B 254 -11.31 28.52 -18.78
N SER B 255 -12.58 28.40 -18.35
CA SER B 255 -13.75 28.97 -19.04
C SER B 255 -14.77 29.53 -18.05
N TYR B 256 -15.28 30.73 -18.34
CA TYR B 256 -16.29 31.40 -17.51
C TYR B 256 -17.71 31.05 -17.93
N ASN B 257 -18.55 30.68 -16.96
CA ASN B 257 -19.96 30.38 -17.18
C ASN B 257 -20.75 31.66 -16.81
N PRO B 258 -21.31 32.40 -17.81
CA PRO B 258 -22.00 33.67 -17.48
C PRO B 258 -23.28 33.53 -16.67
N THR B 259 -24.07 32.47 -16.94
CA THR B 259 -25.33 32.14 -16.26
C THR B 259 -25.08 31.77 -14.79
N GLN B 260 -24.06 30.93 -14.53
CA GLN B 260 -23.74 30.48 -13.18
C GLN B 260 -22.74 31.37 -12.43
N LYS B 261 -21.98 32.23 -13.15
CA LYS B 261 -21.00 33.17 -12.58
C LYS B 261 -19.86 32.47 -11.83
N PHE B 262 -19.24 31.49 -12.51
CA PHE B 262 -18.10 30.72 -12.03
C PHE B 262 -17.15 30.37 -13.16
N THR B 263 -15.87 30.14 -12.81
CA THR B 263 -14.81 29.73 -13.71
C THR B 263 -14.65 28.23 -13.55
N VAL B 264 -14.63 27.52 -14.67
CA VAL B 264 -14.37 26.08 -14.72
C VAL B 264 -12.93 25.88 -15.21
N VAL B 265 -12.11 25.14 -14.45
CA VAL B 265 -10.73 24.84 -14.87
C VAL B 265 -10.52 23.32 -14.96
N GLN B 266 -10.18 22.86 -16.18
CA GLN B 266 -9.89 21.49 -16.54
C GLN B 266 -8.34 21.41 -16.73
N PRO B 267 -7.59 21.07 -15.65
CA PRO B 267 -6.12 21.05 -15.77
C PRO B 267 -5.56 19.96 -16.68
N GLY B 268 -6.34 18.88 -16.84
CA GLY B 268 -5.95 17.71 -17.62
C GLY B 268 -5.06 16.78 -16.82
N SER B 269 -4.73 15.61 -17.41
CA SER B 269 -3.89 14.58 -16.82
C SER B 269 -2.40 14.99 -16.84
N THR B 270 -1.54 14.21 -16.17
CA THR B 270 -0.07 14.42 -16.14
C THR B 270 0.63 13.37 -17.00
N ILE B 271 -0.18 12.59 -17.73
CA ILE B 271 0.28 11.52 -18.64
C ILE B 271 -0.81 11.24 -19.68
N ALA B 272 -0.40 10.90 -20.91
CA ALA B 272 -1.32 10.55 -21.97
C ALA B 272 -1.69 9.06 -21.79
N THR B 273 -2.96 8.77 -21.53
CA THR B 273 -3.41 7.38 -21.33
C THR B 273 -3.89 6.70 -22.65
N SER B 274 -3.93 7.48 -23.75
CA SER B 274 -4.25 7.05 -25.11
C SER B 274 -3.66 8.07 -26.06
N LEU B 275 -3.56 7.72 -27.34
CA LEU B 275 -3.04 8.60 -28.38
C LEU B 275 -4.21 9.28 -29.11
N SER B 276 -5.01 10.01 -28.33
CA SER B 276 -6.19 10.76 -28.75
C SER B 276 -5.81 12.21 -29.03
N PRO B 277 -6.57 12.97 -29.89
CA PRO B 277 -6.25 14.39 -30.10
C PRO B 277 -6.26 15.22 -28.81
N GLY B 278 -7.15 14.87 -27.88
CA GLY B 278 -7.23 15.51 -26.56
C GLY B 278 -5.93 15.41 -25.78
N GLU B 279 -5.22 14.28 -25.92
CA GLU B 279 -3.95 14.02 -25.21
C GLU B 279 -2.73 14.80 -25.72
N THR B 280 -2.80 15.40 -26.93
CA THR B 280 -1.73 16.18 -27.57
C THR B 280 -1.46 17.54 -26.92
N ALA B 281 -2.51 18.25 -26.42
CA ALA B 281 -2.34 19.57 -25.81
C ALA B 281 -1.32 19.49 -24.65
N PRO B 282 -0.22 20.29 -24.71
CA PRO B 282 0.83 20.20 -23.65
C PRO B 282 0.29 20.21 -22.22
N LYS B 283 0.79 19.27 -21.40
CA LYS B 283 0.34 19.12 -20.02
C LYS B 283 0.85 20.21 -19.11
N HIS B 284 -0.02 20.66 -18.21
CA HIS B 284 0.25 21.69 -17.23
C HIS B 284 -0.42 21.39 -15.90
N CYS B 285 0.10 21.97 -14.82
CA CYS B 285 -0.56 22.04 -13.53
C CYS B 285 -0.74 23.58 -13.34
N GLY B 286 -1.37 24.00 -12.24
CA GLY B 286 -1.57 25.41 -11.98
C GLY B 286 -1.52 25.77 -10.51
N ILE B 287 -1.31 27.06 -10.20
CA ILE B 287 -1.37 27.58 -8.84
C ILE B 287 -2.52 28.56 -8.76
N LEU B 288 -3.54 28.22 -7.97
CA LEU B 288 -4.69 29.07 -7.71
C LEU B 288 -4.32 29.94 -6.50
N ASN B 289 -4.27 31.28 -6.70
CA ASN B 289 -3.97 32.27 -5.65
C ASN B 289 -5.27 33.00 -5.30
N ILE B 290 -5.89 32.65 -4.17
CA ILE B 290 -7.17 33.20 -3.70
C ILE B 290 -6.94 34.30 -2.67
N THR B 291 -7.37 35.54 -3.00
CA THR B 291 -7.33 36.71 -2.13
C THR B 291 -8.76 37.24 -2.03
N GLY B 292 -9.41 36.99 -0.89
CA GLY B 292 -10.80 37.36 -0.64
C GLY B 292 -11.71 36.51 -1.49
N LYS B 293 -12.38 37.15 -2.46
CA LYS B 293 -13.28 36.48 -3.42
C LYS B 293 -12.69 36.50 -4.84
N ASP B 294 -11.48 37.07 -4.97
CA ASP B 294 -10.72 37.16 -6.22
C ASP B 294 -9.70 36.02 -6.33
N PHE B 295 -9.31 35.71 -7.57
CA PHE B 295 -8.29 34.72 -7.83
C PHE B 295 -7.42 35.04 -9.04
N HIS B 296 -6.16 34.60 -8.98
CA HIS B 296 -5.14 34.64 -10.02
C HIS B 296 -4.69 33.15 -10.19
N LEU B 297 -4.89 32.61 -11.38
CA LEU B 297 -4.47 31.27 -11.72
C LEU B 297 -3.19 31.36 -12.55
N GLU B 298 -2.12 30.73 -12.05
CA GLU B 298 -0.85 30.70 -12.77
C GLU B 298 -0.67 29.30 -13.38
N LYS B 299 -0.42 29.23 -14.72
CA LYS B 299 -0.20 27.94 -15.38
C LYS B 299 1.28 27.54 -15.40
N ILE B 300 1.54 26.24 -15.15
CA ILE B 300 2.90 25.72 -15.08
C ILE B 300 3.03 24.54 -15.99
N ARG B 301 3.92 24.66 -16.98
CA ARG B 301 4.20 23.61 -17.92
C ARG B 301 4.97 22.48 -17.26
N LEU B 302 4.46 21.25 -17.41
CA LEU B 302 5.11 20.06 -16.87
C LEU B 302 6.25 19.68 -17.78
N ARG B 303 7.45 19.63 -17.23
CA ARG B 303 8.70 19.37 -17.93
C ARG B 303 9.00 17.90 -18.20
N THR B 304 8.44 17.00 -17.40
CA THR B 304 8.72 15.56 -17.47
C THR B 304 7.78 14.77 -18.38
N VAL B 305 6.71 15.40 -18.88
CA VAL B 305 5.75 14.73 -19.76
C VAL B 305 6.40 14.49 -21.14
N ARG B 306 6.37 13.22 -21.58
CA ARG B 306 6.90 12.81 -22.89
C ARG B 306 6.18 13.60 -24.01
N PRO B 307 6.90 14.23 -24.96
CA PRO B 307 6.19 14.92 -26.05
C PRO B 307 5.30 13.96 -26.86
N PHE B 308 4.12 14.45 -27.29
CA PHE B 308 3.15 13.74 -28.13
C PHE B 308 2.68 14.61 -29.33
N ILE B 309 3.11 14.24 -30.54
CA ILE B 309 2.71 14.94 -31.78
C ILE B 309 1.81 14.05 -32.63
N MET B 310 0.66 14.63 -33.02
CA MET B 310 -0.31 14.00 -33.91
C MET B 310 -0.45 14.82 -35.20
N LYS B 311 -0.42 14.14 -36.36
CA LYS B 311 -0.58 14.79 -37.67
C LYS B 311 -1.66 14.13 -38.50
N ASP B 312 -2.56 14.93 -39.07
CA ASP B 312 -3.64 14.46 -39.94
C ASP B 312 -3.25 14.74 -41.39
N ILE B 313 -3.30 13.69 -42.22
CA ILE B 313 -2.87 13.70 -43.63
C ILE B 313 -3.96 13.18 -44.54
N ILE B 314 -4.13 13.86 -45.69
CA ILE B 314 -5.03 13.50 -46.78
C ILE B 314 -4.09 13.27 -47.98
N LEU B 315 -3.93 12.00 -48.39
CA LEU B 315 -3.03 11.64 -49.50
C LEU B 315 -3.35 12.25 -50.83
N SER B 316 -4.66 12.43 -51.15
CA SER B 316 -5.10 13.04 -52.42
C SER B 316 -4.63 14.52 -52.56
N GLU B 317 -4.28 15.15 -51.43
CA GLU B 317 -3.79 16.53 -51.38
C GLU B 317 -2.25 16.64 -51.48
N VAL B 318 -1.53 15.49 -51.39
CA VAL B 318 -0.07 15.47 -51.45
C VAL B 318 0.42 15.44 -52.91
N SER B 319 0.95 16.59 -53.37
CA SER B 319 1.45 16.79 -54.74
C SER B 319 2.57 15.85 -55.20
N SER B 320 3.40 15.38 -54.26
CA SER B 320 4.53 14.49 -54.52
C SER B 320 4.12 13.01 -54.71
N ILE B 321 2.87 12.62 -54.35
CA ILE B 321 2.39 11.25 -54.56
C ILE B 321 1.49 11.19 -55.81
N PRO B 322 1.82 10.42 -56.88
CA PRO B 322 0.89 10.32 -58.01
C PRO B 322 -0.38 9.54 -57.61
N PRO B 323 -1.56 9.95 -58.11
CA PRO B 323 -2.81 9.30 -57.67
C PRO B 323 -3.23 8.08 -58.50
N MET B 324 -3.88 7.13 -57.83
CA MET B 324 -4.42 5.90 -58.39
C MET B 324 -3.48 5.14 -59.35
N VAL B 325 -2.23 4.94 -58.90
CA VAL B 325 -1.17 4.20 -59.63
C VAL B 325 -0.45 3.34 -58.56
N GLU B 326 0.61 2.57 -58.94
CA GLU B 326 1.43 1.78 -58.01
C GLU B 326 2.33 2.81 -57.31
N ASN B 327 1.81 3.42 -56.22
CA ASN B 327 2.47 4.51 -55.51
C ASN B 327 2.94 4.18 -54.09
N LYS B 328 3.03 2.86 -53.74
CA LYS B 328 3.48 2.42 -52.40
C LYS B 328 4.78 3.14 -51.98
N LYS B 329 5.72 3.27 -52.92
CA LYS B 329 7.02 3.90 -52.73
C LYS B 329 6.93 5.39 -52.36
N GLU B 330 6.23 6.26 -53.18
CA GLU B 330 6.06 7.68 -52.87
C GLU B 330 5.24 7.92 -51.58
N VAL B 331 4.23 7.05 -51.27
CA VAL B 331 3.38 7.16 -50.08
C VAL B 331 4.28 6.98 -48.86
N LEU B 332 5.10 5.90 -48.88
CA LEU B 332 6.04 5.58 -47.83
C LEU B 332 7.07 6.70 -47.62
N THR B 333 7.68 7.21 -48.70
CA THR B 333 8.65 8.31 -48.67
C THR B 333 8.04 9.53 -48.00
N TYR B 334 6.79 9.91 -48.42
CA TYR B 334 6.11 11.04 -47.84
C TYR B 334 5.80 10.82 -46.36
N LEU B 335 5.23 9.66 -45.99
CA LEU B 335 4.87 9.36 -44.60
C LEU B 335 6.07 9.29 -43.66
N ILE B 336 7.20 8.71 -44.14
CA ILE B 336 8.45 8.62 -43.39
C ILE B 336 8.96 10.03 -43.11
N SER B 337 8.87 10.94 -44.11
CA SER B 337 9.27 12.35 -43.95
C SER B 337 8.36 13.09 -42.96
N LYS B 338 7.08 12.68 -42.84
CA LYS B 338 6.13 13.27 -41.89
C LYS B 338 6.41 12.80 -40.46
N VAL B 339 6.90 11.56 -40.28
CA VAL B 339 7.27 11.06 -38.93
C VAL B 339 8.51 11.85 -38.47
N GLU B 340 9.44 12.03 -39.38
CA GLU B 340 10.66 12.75 -39.08
C GLU B 340 10.42 14.19 -38.73
N GLU B 341 9.53 14.84 -39.48
CA GLU B 341 9.08 16.20 -39.19
C GLU B 341 8.38 16.26 -37.84
N ALA B 342 7.51 15.29 -37.53
CA ALA B 342 6.82 15.22 -36.23
C ALA B 342 7.84 15.03 -35.06
N ILE B 343 8.92 14.20 -35.28
CA ILE B 343 9.99 13.97 -34.28
C ILE B 343 10.71 15.30 -34.00
N THR B 344 11.05 16.07 -35.06
CA THR B 344 11.70 17.39 -34.96
C THR B 344 10.83 18.35 -34.18
N GLU B 345 9.50 18.37 -34.45
CA GLU B 345 8.55 19.22 -33.72
C GLU B 345 8.46 18.81 -32.23
N ALA B 346 8.44 17.48 -31.95
CA ALA B 346 8.36 16.93 -30.59
C ALA B 346 9.59 17.33 -29.79
N ASN B 347 10.80 17.15 -30.38
CA ASN B 347 12.08 17.51 -29.75
C ASN B 347 12.10 19.00 -29.43
N ALA B 348 11.61 19.87 -30.35
CA ALA B 348 11.53 21.32 -30.15
C ALA B 348 10.56 21.67 -29.00
N GLN B 349 9.42 20.98 -28.92
CA GLN B 349 8.42 21.17 -27.86
C GLN B 349 9.02 20.79 -26.47
N TRP B 350 9.85 19.72 -26.40
CA TRP B 350 10.54 19.31 -25.16
C TRP B 350 11.59 20.33 -24.72
N TYR B 351 12.47 20.81 -25.64
CA TYR B 351 13.49 21.81 -25.31
C TYR B 351 12.87 23.10 -24.80
N GLU B 352 11.69 23.45 -25.35
CA GLU B 352 10.84 24.59 -24.97
C GLU B 352 10.45 24.40 -23.52
N ALA B 353 9.90 23.22 -23.15
CA ALA B 353 9.49 22.87 -21.79
C ALA B 353 10.62 22.99 -20.77
N GLN B 354 11.87 22.63 -21.16
CA GLN B 354 13.06 22.67 -20.31
C GLN B 354 13.74 24.02 -20.21
N GLY B 355 13.60 24.86 -21.24
CA GLY B 355 14.30 26.13 -21.33
C GLY B 355 15.75 25.90 -21.68
N THR B 356 16.01 24.89 -22.55
CA THR B 356 17.36 24.48 -22.95
C THR B 356 17.51 24.43 -24.49
N VAL B 357 18.76 24.26 -24.97
CA VAL B 357 19.10 24.16 -26.40
C VAL B 357 19.76 22.79 -26.75
N PRO B 358 19.61 22.27 -28.00
CA PRO B 358 20.27 21.00 -28.35
C PRO B 358 21.79 21.13 -28.52
N VAL B 359 22.53 20.88 -27.41
CA VAL B 359 24.00 20.88 -27.35
C VAL B 359 24.47 19.67 -26.51
N VAL B 360 25.69 19.20 -26.72
CA VAL B 360 26.20 18.04 -25.99
C VAL B 360 25.96 18.13 -24.47
N GLU B 361 26.46 19.20 -23.87
CA GLU B 361 26.38 19.39 -22.41
C GLU B 361 24.95 19.27 -21.88
N ASN B 362 23.95 19.41 -22.78
CA ASN B 362 22.54 19.34 -22.41
C ASN B 362 21.89 17.97 -22.58
N GLU B 363 21.01 17.63 -21.63
CA GLU B 363 20.24 16.39 -21.65
C GLU B 363 19.40 16.37 -22.95
N LYS B 364 19.36 15.20 -23.61
CA LYS B 364 18.65 14.98 -24.85
C LYS B 364 17.17 14.69 -24.54
N PRO B 365 16.23 14.96 -25.48
CA PRO B 365 14.82 14.70 -25.17
C PRO B 365 14.51 13.21 -25.06
N PRO B 366 13.46 12.81 -24.32
CA PRO B 366 13.07 11.39 -24.34
C PRO B 366 12.45 11.09 -25.72
N LEU B 367 12.33 9.82 -26.08
CA LEU B 367 11.71 9.38 -27.33
C LEU B 367 10.24 9.87 -27.33
N PRO B 368 9.79 10.57 -28.39
CA PRO B 368 8.41 11.09 -28.38
C PRO B 368 7.32 10.09 -28.80
N LEU B 369 6.06 10.43 -28.51
CA LEU B 369 4.90 9.67 -28.96
C LEU B 369 4.43 10.31 -30.27
N ILE B 370 4.41 9.53 -31.34
CA ILE B 370 4.08 10.06 -32.68
C ILE B 370 2.90 9.30 -33.28
N ARG B 371 1.90 10.06 -33.76
CA ARG B 371 0.74 9.46 -34.42
C ARG B 371 0.32 10.18 -35.71
N LEU B 372 0.28 9.45 -36.81
CA LEU B 372 -0.20 9.98 -38.06
C LEU B 372 -1.55 9.33 -38.32
N ARG B 373 -2.56 10.13 -38.67
CA ARG B 373 -3.91 9.68 -39.06
C ARG B 373 -3.98 10.00 -40.54
N VAL B 374 -3.92 8.95 -41.36
CA VAL B 374 -3.80 9.03 -42.81
C VAL B 374 -5.08 8.65 -43.59
N ASP B 375 -5.68 9.64 -44.27
CA ASP B 375 -6.84 9.40 -45.13
C ASP B 375 -6.27 8.96 -46.50
N TYR B 376 -6.51 7.71 -46.88
CA TYR B 376 -6.02 7.19 -48.15
C TYR B 376 -7.02 7.07 -49.31
N THR B 377 -8.08 7.86 -49.24
CA THR B 377 -9.11 7.85 -50.29
C THR B 377 -8.58 8.28 -51.66
N GLY B 378 -9.19 7.76 -52.71
CA GLY B 378 -8.78 8.09 -54.06
C GLY B 378 -7.85 7.15 -54.80
N GLY B 379 -7.39 6.11 -54.10
CA GLY B 379 -6.49 5.15 -54.69
C GLY B 379 -5.05 5.32 -54.22
N TYR B 380 -4.73 4.71 -53.08
CA TYR B 380 -3.38 4.81 -52.53
C TYR B 380 -2.97 3.49 -51.88
N GLN B 381 -1.71 3.12 -52.06
CA GLN B 381 -1.19 1.88 -51.48
C GLN B 381 -0.54 2.16 -50.16
N THR B 382 -1.00 1.46 -49.13
CA THR B 382 -0.60 1.63 -47.74
C THR B 382 0.36 0.52 -47.32
N GLU B 383 0.81 0.60 -46.08
CA GLU B 383 1.68 -0.41 -45.49
C GLU B 383 1.05 -0.87 -44.20
N ASN B 384 1.32 -2.14 -43.82
CA ASN B 384 0.90 -2.70 -42.55
C ASN B 384 1.33 -1.71 -41.43
N PRO B 385 0.40 -1.27 -40.56
CA PRO B 385 0.77 -0.26 -39.52
C PRO B 385 1.89 -0.66 -38.58
N GLN B 386 1.94 -1.95 -38.19
CA GLN B 386 2.96 -2.53 -37.31
C GLN B 386 4.33 -2.48 -37.99
N ARG B 387 4.39 -2.89 -39.28
CA ARG B 387 5.58 -2.85 -40.14
C ARG B 387 6.05 -1.40 -40.30
N PHE B 388 5.10 -0.45 -40.51
CA PHE B 388 5.45 0.97 -40.65
C PHE B 388 6.05 1.51 -39.35
N SER B 389 5.42 1.19 -38.23
CA SER B 389 5.88 1.63 -36.90
C SER B 389 7.31 1.14 -36.56
N ASN B 390 7.61 -0.14 -36.92
CA ASN B 390 8.92 -0.79 -36.75
C ASN B 390 10.08 -0.03 -37.36
N ARG B 391 9.82 0.76 -38.38
CA ARG B 391 10.84 1.58 -39.01
C ARG B 391 11.37 2.60 -38.09
N PHE B 392 10.70 2.81 -36.97
CA PHE B 392 11.07 3.88 -36.09
C PHE B 392 11.47 3.44 -34.71
N VAL B 393 11.62 2.14 -34.53
CA VAL B 393 12.16 1.60 -33.30
C VAL B 393 13.40 2.33 -32.87
N GLY B 394 13.41 2.81 -31.63
CA GLY B 394 14.54 3.54 -31.14
C GLY B 394 14.47 5.00 -31.45
N ARG B 395 13.38 5.39 -32.12
CA ARG B 395 13.19 6.77 -32.53
C ARG B 395 11.92 7.34 -31.91
N VAL B 396 10.95 6.49 -31.64
CA VAL B 396 9.72 6.91 -31.04
C VAL B 396 9.34 6.04 -29.87
N ALA B 397 8.55 6.57 -28.95
CA ALA B 397 8.15 5.84 -27.78
C ALA B 397 7.10 4.81 -28.07
N ASN B 398 6.38 4.98 -29.17
CA ASN B 398 5.32 4.04 -29.55
C ASN B 398 5.51 3.52 -30.98
N ALA B 399 6.48 2.63 -31.15
CA ALA B 399 6.76 2.04 -32.45
C ALA B 399 5.84 0.86 -32.75
N THR B 400 4.58 1.01 -32.36
CA THR B 400 3.59 -0.04 -32.58
C THR B 400 2.26 0.55 -33.06
N ASP B 401 2.11 1.86 -32.93
CA ASP B 401 0.90 2.54 -33.34
C ASP B 401 1.13 3.90 -34.00
N VAL B 402 2.23 4.04 -34.72
CA VAL B 402 2.75 5.31 -35.27
C VAL B 402 1.77 5.86 -36.35
N VAL B 403 1.12 4.97 -37.10
CA VAL B 403 0.22 5.34 -38.18
C VAL B 403 -1.14 4.66 -38.05
N GLN B 404 -2.19 5.35 -38.49
CA GLN B 404 -3.53 4.81 -38.60
C GLN B 404 -4.10 5.26 -39.96
N PHE B 405 -4.34 4.30 -40.82
CA PHE B 405 -4.91 4.49 -42.15
C PHE B 405 -6.42 4.36 -42.08
N TYR B 406 -7.12 5.31 -42.68
CA TYR B 406 -8.58 5.31 -42.73
C TYR B 406 -9.11 5.87 -44.06
N LEU B 407 -10.38 5.61 -44.34
CA LEU B 407 -11.08 6.11 -45.52
C LEU B 407 -12.17 7.08 -45.05
N LYS B 408 -12.26 8.25 -45.68
CA LYS B 408 -13.26 9.27 -45.35
C LYS B 408 -14.69 8.74 -45.56
N ASN C 12 25.52 -33.13 9.25
CA ASN C 12 25.04 -31.80 9.60
C ASN C 12 25.34 -31.44 11.06
N ARG C 13 25.13 -32.40 11.95
CA ARG C 13 25.38 -32.20 13.37
C ARG C 13 26.87 -32.06 13.65
N ARG C 14 27.70 -32.50 12.71
CA ARG C 14 29.14 -32.42 12.86
C ARG C 14 29.85 -31.11 12.57
N LEU C 15 29.65 -30.53 11.44
CA LEU C 15 30.37 -29.32 11.03
C LEU C 15 29.85 -28.28 12.01
N ARG C 16 30.58 -27.20 12.16
CA ARG C 16 30.07 -26.14 12.94
C ARG C 16 30.52 -24.87 12.34
N ASN C 17 30.02 -23.79 12.86
CA ASN C 17 30.42 -22.43 12.45
C ASN C 17 30.74 -22.30 10.96
N LEU C 18 29.72 -22.52 10.11
CA LEU C 18 29.90 -22.42 8.65
C LEU C 18 29.89 -20.95 8.19
N GLY C 19 30.52 -20.69 7.04
CA GLY C 19 30.68 -19.34 6.52
C GLY C 19 31.88 -18.66 7.16
N SER C 20 31.94 -17.32 7.08
CA SER C 20 33.05 -16.54 7.65
C SER C 20 32.62 -15.48 8.67
N VAL C 21 33.49 -15.19 9.65
CA VAL C 21 33.28 -14.18 10.70
C VAL C 21 34.43 -13.15 10.66
N GLU C 22 34.14 -11.93 10.17
CA GLU C 22 35.14 -10.85 10.02
C GLU C 22 34.78 -9.52 10.66
N TYR C 23 35.79 -8.72 11.05
CA TYR C 23 35.60 -7.43 11.70
C TYR C 23 35.53 -6.18 10.78
N ILE C 24 34.81 -5.12 11.20
CA ILE C 24 34.68 -3.84 10.47
C ILE C 24 34.63 -2.61 11.38
N ARG C 25 35.08 -1.45 10.84
CA ARG C 25 35.09 -0.17 11.55
C ARG C 25 33.89 0.71 11.18
N ASN C 48 16.29 11.05 25.01
CA ASN C 48 15.71 11.09 23.67
C ASN C 48 16.79 11.19 22.59
N PHE C 49 16.63 10.42 21.52
CA PHE C 49 17.58 10.42 20.42
C PHE C 49 16.89 10.70 19.10
N LYS C 50 15.60 11.04 19.16
CA LYS C 50 14.82 11.34 17.96
C LYS C 50 14.88 12.82 17.62
N LYS C 51 14.52 13.16 16.38
CA LYS C 51 14.53 14.54 15.92
C LYS C 51 13.21 15.27 15.72
N PHE C 52 12.11 14.60 16.00
CA PHE C 52 10.79 15.18 15.85
C PHE C 52 10.49 16.18 16.97
N GLN C 53 9.67 17.18 16.66
CA GLN C 53 9.32 18.20 17.63
C GLN C 53 7.86 18.63 17.48
N LYS C 54 7.55 19.29 16.36
CA LYS C 54 6.20 19.75 16.08
C LYS C 54 6.19 21.20 15.63
N GLU D 10 -31.30 20.00 -25.12
CA GLU D 10 -31.96 21.30 -24.95
C GLU D 10 -32.46 21.53 -23.52
N GLU D 11 -33.08 20.50 -22.90
CA GLU D 11 -33.60 20.57 -21.53
C GLU D 11 -32.52 20.60 -20.44
N ASN D 12 -31.25 20.21 -20.78
CA ASN D 12 -30.07 20.20 -19.89
C ASN D 12 -29.56 21.63 -19.76
N ARG D 13 -29.51 22.37 -20.89
CA ARG D 13 -29.08 23.77 -20.96
C ARG D 13 -30.12 24.70 -20.28
N ARG D 14 -31.41 24.28 -20.27
CA ARG D 14 -32.52 25.03 -19.66
C ARG D 14 -32.61 24.85 -18.13
N LEU D 15 -32.38 23.62 -17.63
CA LEU D 15 -32.44 23.30 -16.19
C LEU D 15 -31.22 23.86 -15.45
N ARG D 16 -31.45 24.65 -14.38
CA ARG D 16 -30.38 25.27 -13.60
C ARG D 16 -30.53 25.02 -12.10
N ASN D 17 -29.39 25.00 -11.36
CA ASN D 17 -29.30 24.81 -9.90
C ASN D 17 -30.09 23.58 -9.42
N LEU D 18 -29.66 22.38 -9.82
CA LEU D 18 -30.32 21.15 -9.42
C LEU D 18 -29.97 20.72 -8.00
N GLY D 19 -30.86 19.94 -7.40
CA GLY D 19 -30.73 19.50 -6.02
C GLY D 19 -31.18 20.57 -5.04
N SER D 20 -30.79 20.41 -3.76
CA SER D 20 -31.16 21.37 -2.70
C SER D 20 -29.96 21.98 -1.96
N VAL D 21 -30.15 23.20 -1.41
CA VAL D 21 -29.14 23.95 -0.64
C VAL D 21 -29.64 24.22 0.79
N GLU D 22 -28.88 23.78 1.80
CA GLU D 22 -29.19 23.98 3.22
C GLU D 22 -28.06 24.74 3.93
N TYR D 23 -28.40 25.46 5.02
CA TYR D 23 -27.44 26.23 5.82
C TYR D 23 -27.27 25.65 7.22
N ILE D 24 -26.07 25.12 7.49
CA ILE D 24 -25.72 24.50 8.78
C ILE D 24 -24.70 25.34 9.57
N ARG D 25 -24.49 25.00 10.90
CA ARG D 25 -23.56 25.69 11.79
C ARG D 25 -22.32 24.85 12.03
MN MN E . 7.53 -18.75 6.24
MN MN F . 4.73 -18.08 8.25
MN MN G . -11.58 9.13 -14.96
MN MN H . -8.27 9.65 -15.86
#